data_6UI4
#
_entry.id   6UI4
#
_cell.length_a   59.502
_cell.length_b   100.311
_cell.length_c   165.615
_cell.angle_alpha   90.000
_cell.angle_beta   90.000
_cell.angle_gamma   90.000
#
_symmetry.space_group_name_H-M   'P 21 21 21'
#
loop_
_entity.id
_entity.type
_entity.pdbx_description
1 polymer 'myosin I'
2 polymer Calmodulin
3 non-polymer 'MAGNESIUM ION'
4 non-polymer 'ethyl (2Z)-3-amino-2-cyano-3-phenylprop-2-enoate'
5 non-polymer 'PHOSPHOTHIOPHOSPHORIC ACID-ADENYLATE ESTER'
6 water water
#
loop_
_entity_poly.entity_id
_entity_poly.type
_entity_poly.pdbx_seq_one_letter_code
_entity_poly.pdbx_strand_id
1 'polypeptide(L)'
;EIGVSDLTLLSKVSNEAINENLKKRFEGREIYTYIGHVLVSVNPFRDLGIYTDDVLQSYMGKNRLEMPPHVFAIAEASYY
NMKAYSDNQCVIISGESGAGKTEAAKRIMQYIASVSGGESGDIKQIKDMVLATNPLLESFGNAKTLRNNNSSRFGKYLQI
YFNTQGEPVGADITNYLLEKSRVVGQITNERNFHIFYQFAKGASQQYRETFGVQKPETYVYTSRSKCLDVDGIDDLAEFE
DTLNAMKVIGLSQPEQDQIFRMLSAILWIGNIQFQEDQGGYAEVTDRSVVDFAAYLMEVTPDQLIKGITIRILTPRNGEV
IESPANPAQAQATRDALAMAIYSNLFDWIVERINKSLKARQPTTNTIGILDIYGFEIFEKNSFEQLCINYVNEKLQQIFI
QLTLKAEQEEYAREQIQWTPIKYFDNKVVCDLIEQIRPVGIFSAMKDATKTAHADPAACDRTFMQSINGMSHAHLTPRQG
NFIIKHYAGDVTYTVEGITDKNKDQLLKGLLALFQHSGNDFVHTLFPRPVDTDNRKQPPSAGDRIRASANALVDTLMKCQ
PSYIRTIKPNENKSPTEYNGPNVLHQIKYLGLQENVRIRRAGFAYRQDFDKFVDRFFLLSPATSYAGEFTWEGTTEAAVK
QILKDTSIPKEEWQMGVTKAFIKAPETLFALEHMRDRYWHNMATRIQRMWRA
;
A
2 'polypeptide(L)'
;ADSLTEEQVSEFKEAFSLFDKDGDGQITTKELGTVMRSLGQNPSESELQDMINEVDADNNGTIDFPEFLTMMARKMKDTD
SEEEIREAFKVFDRDNNGFISAAELRHVMTSIGEKLTDDEVDEMIREADQDGDGRIDYNEFVQLMMQK
;
B
#
loop_
_chem_comp.id
_chem_comp.type
_chem_comp.name
_chem_comp.formula
AGS non-polymer 'PHOSPHOTHIOPHOSPHORIC ACID-ADENYLATE ESTER' 'C10 H16 N5 O12 P3 S'
MG non-polymer 'MAGNESIUM ION' 'Mg 2'
Q8V non-polymer 'ethyl (2Z)-3-amino-2-cyano-3-phenylprop-2-enoate' 'C12 H12 N2 O2'
#
# COMPACT_ATOMS: atom_id res chain seq x y z
N GLU A 1 15.92 3.51 -21.88
CA GLU A 1 17.06 3.45 -22.80
C GLU A 1 18.28 2.80 -22.17
N ILE A 2 18.35 2.75 -20.84
CA ILE A 2 19.42 2.02 -20.15
C ILE A 2 18.98 0.58 -19.94
N GLY A 3 19.75 -0.35 -20.49
CA GLY A 3 19.40 -1.75 -20.37
C GLY A 3 17.99 -1.98 -20.87
N VAL A 4 17.20 -2.66 -20.05
CA VAL A 4 15.86 -3.06 -20.39
C VAL A 4 14.93 -2.57 -19.29
N SER A 5 13.88 -1.84 -19.67
CA SER A 5 12.94 -1.29 -18.69
C SER A 5 11.96 -2.33 -18.18
N ASP A 6 11.81 -3.46 -18.88
CA ASP A 6 10.87 -4.51 -18.52
C ASP A 6 11.61 -5.83 -18.63
N LEU A 7 11.91 -6.45 -17.49
CA LEU A 7 12.80 -7.61 -17.45
C LEU A 7 12.30 -8.77 -18.31
N THR A 8 11.02 -8.80 -18.67
CA THR A 8 10.56 -9.83 -19.60
C THR A 8 11.24 -9.71 -20.95
N LEU A 9 11.85 -8.56 -21.25
CA LEU A 9 12.53 -8.34 -22.51
C LEU A 9 14.02 -8.68 -22.45
N LEU A 10 14.52 -9.19 -21.33
CA LEU A 10 15.92 -9.57 -21.25
C LEU A 10 16.24 -10.55 -22.37
N SER A 11 17.43 -10.44 -22.95
CA SER A 11 17.88 -11.42 -23.94
C SER A 11 18.08 -12.80 -23.31
N LYS A 12 18.84 -12.88 -22.22
CA LYS A 12 19.00 -14.10 -21.45
C LYS A 12 18.40 -13.90 -20.07
N VAL A 13 17.65 -14.89 -19.61
CA VAL A 13 16.96 -14.82 -18.33
C VAL A 13 17.79 -15.55 -17.28
N SER A 14 18.28 -14.81 -16.29
CA SER A 14 18.84 -15.40 -15.08
C SER A 14 18.88 -14.34 -13.99
N ASN A 15 19.01 -14.81 -12.75
CA ASN A 15 19.20 -13.89 -11.62
C ASN A 15 20.35 -12.93 -11.90
N GLU A 16 21.42 -13.43 -12.51
CA GLU A 16 22.60 -12.59 -12.73
C GLU A 16 22.31 -11.54 -13.79
N ALA A 17 21.57 -11.91 -14.84
CA ALA A 17 21.15 -10.94 -15.84
C ALA A 17 20.21 -9.89 -15.25
N ILE A 18 19.31 -10.32 -14.35
CA ILE A 18 18.41 -9.37 -13.70
C ILE A 18 19.23 -8.40 -12.85
N ASN A 19 20.20 -8.94 -12.11
CA ASN A 19 21.03 -8.11 -11.23
C ASN A 19 21.80 -7.09 -12.04
N GLU A 20 22.34 -7.51 -13.19
CA GLU A 20 23.06 -6.59 -14.06
C GLU A 20 22.14 -5.49 -14.59
N ASN A 21 20.93 -5.86 -15.02
CA ASN A 21 20.01 -4.83 -15.52
C ASN A 21 19.70 -3.81 -14.45
N LEU A 22 19.27 -4.27 -13.27
CA LEU A 22 18.96 -3.34 -12.18
C LEU A 22 20.18 -2.51 -11.81
N LYS A 23 21.40 -3.04 -11.96
CA LYS A 23 22.56 -2.29 -11.52
C LYS A 23 22.93 -1.21 -12.53
N LYS A 24 22.90 -1.53 -13.83
CA LYS A 24 23.13 -0.51 -14.84
C LYS A 24 22.10 0.61 -14.69
N ARG A 25 20.83 0.23 -14.57
CA ARG A 25 19.77 1.21 -14.44
C ARG A 25 19.98 2.08 -13.20
N PHE A 26 20.15 1.44 -12.03
CA PHE A 26 20.37 2.18 -10.79
C PHE A 26 21.53 3.16 -10.93
N GLU A 27 22.61 2.74 -11.59
CA GLU A 27 23.72 3.64 -11.82
C GLU A 27 23.35 4.80 -12.74
N GLY A 28 22.34 4.60 -13.60
CA GLY A 28 21.85 5.70 -14.43
C GLY A 28 20.61 6.39 -13.88
N ARG A 29 20.39 6.29 -12.57
CA ARG A 29 19.26 6.92 -11.87
C ARG A 29 17.91 6.47 -12.43
N GLU A 30 17.81 5.24 -12.90
CA GLU A 30 16.52 4.61 -13.23
C GLU A 30 16.20 3.54 -12.18
N ILE A 31 15.65 3.98 -11.05
CA ILE A 31 15.38 3.08 -9.94
C ILE A 31 14.19 2.16 -10.17
N TYR A 32 13.35 2.45 -11.17
CA TYR A 32 12.12 1.71 -11.42
C TYR A 32 12.27 0.82 -12.66
N THR A 33 11.81 -0.43 -12.54
CA THR A 33 11.89 -1.43 -13.61
C THR A 33 10.66 -2.33 -13.53
N TYR A 34 10.22 -2.87 -14.66
CA TYR A 34 9.03 -3.70 -14.67
C TYR A 34 9.36 -5.19 -14.81
N ILE A 35 8.44 -6.01 -14.30
CA ILE A 35 8.26 -7.40 -14.71
C ILE A 35 6.79 -7.53 -15.10
N GLY A 36 6.49 -7.22 -16.36
CA GLY A 36 5.11 -7.09 -16.77
C GLY A 36 4.45 -6.01 -15.96
N HIS A 37 3.31 -6.34 -15.35
CA HIS A 37 2.59 -5.35 -14.55
C HIS A 37 3.29 -5.05 -13.23
N VAL A 38 4.24 -5.89 -12.81
CA VAL A 38 4.84 -5.76 -11.47
C VAL A 38 5.93 -4.68 -11.53
N LEU A 39 6.03 -3.87 -10.48
CA LEU A 39 7.10 -2.86 -10.39
C LEU A 39 8.18 -3.29 -9.39
N VAL A 40 9.43 -3.28 -9.84
CA VAL A 40 10.61 -3.37 -8.99
C VAL A 40 11.20 -1.97 -8.78
N SER A 41 11.49 -1.61 -7.54
CA SER A 41 12.03 -0.30 -7.19
C SER A 41 13.28 -0.44 -6.33
N VAL A 42 14.43 0.02 -6.84
CA VAL A 42 15.68 0.00 -6.08
C VAL A 42 15.86 1.34 -5.35
N ASN A 43 16.10 1.27 -4.05
CA ASN A 43 16.17 2.45 -3.18
C ASN A 43 17.37 3.32 -3.55
N PRO A 44 17.16 4.50 -4.14
CA PRO A 44 18.31 5.33 -4.56
C PRO A 44 19.05 6.00 -3.41
N PHE A 45 18.42 6.15 -2.25
CA PHE A 45 19.01 6.84 -1.09
C PHE A 45 19.47 8.25 -1.46
N ARG A 46 18.79 8.86 -2.43
CA ARG A 46 19.11 10.19 -2.91
C ARG A 46 17.86 10.80 -3.54
N ASP A 47 17.71 12.12 -3.40
CA ASP A 47 16.58 12.80 -4.05
C ASP A 47 16.92 12.98 -5.52
N LEU A 48 16.22 12.23 -6.38
CA LEU A 48 16.43 12.24 -7.82
C LEU A 48 15.53 13.24 -8.52
N GLY A 49 14.54 13.78 -7.81
CA GLY A 49 13.55 14.72 -8.32
C GLY A 49 12.57 14.14 -9.32
N ILE A 50 12.10 12.91 -9.09
CA ILE A 50 11.19 12.26 -10.01
C ILE A 50 9.75 12.26 -9.52
N TYR A 51 9.44 13.01 -8.46
CA TYR A 51 8.10 13.02 -7.90
C TYR A 51 7.50 14.42 -7.95
N THR A 52 7.93 15.21 -8.93
CA THR A 52 7.42 16.56 -9.12
C THR A 52 6.03 16.52 -9.74
N ASP A 53 5.24 17.56 -9.44
CA ASP A 53 3.91 17.69 -10.03
C ASP A 53 3.98 17.69 -11.55
N ASP A 54 5.11 18.17 -12.09
CA ASP A 54 5.37 18.11 -13.53
C ASP A 54 5.40 16.66 -14.03
N VAL A 55 6.24 15.83 -13.41
CA VAL A 55 6.28 14.39 -13.72
C VAL A 55 4.90 13.78 -13.47
N LEU A 56 4.30 14.12 -12.33
CA LEU A 56 3.05 13.50 -11.92
C LEU A 56 2.00 13.67 -13.01
N GLN A 57 1.87 14.90 -13.52
CA GLN A 57 0.91 15.14 -14.58
C GLN A 57 1.34 14.41 -15.86
N SER A 58 2.66 14.29 -16.08
CA SER A 58 3.11 13.56 -17.26
C SER A 58 2.69 12.09 -17.23
N TYR A 59 2.25 11.57 -16.07
CA TYR A 59 1.74 10.20 -16.05
C TYR A 59 0.22 10.08 -16.11
N MET A 60 -0.52 11.18 -15.96
CA MET A 60 -1.98 11.11 -16.00
C MET A 60 -2.49 10.61 -17.34
N GLY A 61 -3.30 9.57 -17.30
CA GLY A 61 -4.00 9.07 -18.47
C GLY A 61 -3.20 8.16 -19.34
N LYS A 62 -2.01 7.76 -18.91
CA LYS A 62 -1.13 6.90 -19.68
C LYS A 62 -1.30 5.46 -19.23
N ASN A 63 -0.91 4.55 -20.09
CA ASN A 63 -0.75 3.15 -19.73
C ASN A 63 0.72 2.83 -19.51
N ARG A 64 0.95 1.68 -18.86
CA ARG A 64 2.28 1.27 -18.42
C ARG A 64 3.34 1.42 -19.51
N LEU A 65 2.95 1.37 -20.77
CA LEU A 65 3.87 1.24 -21.89
C LEU A 65 4.22 2.57 -22.54
N GLU A 66 3.43 3.61 -22.31
CA GLU A 66 3.67 4.91 -22.92
C GLU A 66 4.69 5.74 -22.16
N MET A 67 5.09 5.32 -20.97
CA MET A 67 6.00 6.10 -20.16
C MET A 67 7.05 5.20 -19.51
N PRO A 68 8.17 5.77 -19.09
CA PRO A 68 9.16 4.98 -18.34
C PRO A 68 8.59 4.48 -17.04
N PRO A 69 9.05 3.31 -16.58
CA PRO A 69 8.54 2.72 -15.34
C PRO A 69 8.54 3.71 -14.17
N HIS A 70 7.44 3.71 -13.42
CA HIS A 70 7.31 4.67 -12.32
C HIS A 70 6.22 4.20 -11.37
N VAL A 71 6.42 4.43 -10.07
CA VAL A 71 5.38 4.15 -9.06
C VAL A 71 4.07 4.83 -9.43
N PHE A 72 4.15 6.01 -10.03
CA PHE A 72 2.95 6.74 -10.46
C PHE A 72 2.14 5.91 -11.45
N ALA A 73 2.80 5.11 -12.28
CA ALA A 73 2.07 4.29 -13.25
C ALA A 73 1.29 3.18 -12.57
N ILE A 74 1.85 2.59 -11.51
CA ILE A 74 1.12 1.60 -10.74
C ILE A 74 -0.12 2.23 -10.11
N ALA A 75 0.01 3.48 -9.64
CA ALA A 75 -1.13 4.11 -8.98
C ALA A 75 -2.19 4.51 -10.01
N GLU A 76 -1.77 5.14 -11.10
CA GLU A 76 -2.64 5.39 -12.25
C GLU A 76 -3.41 4.14 -12.65
N ALA A 77 -2.71 3.01 -12.82
CA ALA A 77 -3.37 1.78 -13.24
C ALA A 77 -4.40 1.34 -12.20
N SER A 78 -4.10 1.52 -10.92
CA SER A 78 -5.05 1.09 -9.88
C SER A 78 -6.32 1.93 -9.95
N TYR A 79 -6.16 3.23 -10.16
CA TYR A 79 -7.30 4.16 -10.14
C TYR A 79 -8.14 3.98 -11.41
N TYR A 80 -7.47 3.85 -12.55
CA TYR A 80 -8.14 3.49 -13.81
C TYR A 80 -8.98 2.23 -13.63
N ASN A 81 -8.37 1.14 -13.14
CA ASN A 81 -9.10 -0.12 -13.05
C ASN A 81 -10.26 0.01 -12.09
N MET A 82 -10.11 0.84 -11.05
CA MET A 82 -11.20 1.08 -10.11
C MET A 82 -12.39 1.68 -10.83
N LYS A 83 -12.17 2.75 -11.61
CA LYS A 83 -13.33 3.36 -12.25
C LYS A 83 -13.78 2.62 -13.50
N ALA A 84 -12.98 1.69 -14.01
CA ALA A 84 -13.29 1.01 -15.26
C ALA A 84 -14.19 -0.19 -14.98
N TYR A 85 -13.70 -1.11 -14.16
CA TYR A 85 -14.43 -2.32 -13.82
C TYR A 85 -15.25 -2.16 -12.54
N SER A 86 -15.19 -0.99 -11.89
CA SER A 86 -15.79 -0.75 -10.58
C SER A 86 -15.40 -1.83 -9.58
N ASP A 87 -14.08 -1.98 -9.43
CA ASP A 87 -13.44 -3.01 -8.62
C ASP A 87 -12.54 -2.38 -7.57
N ASN A 88 -12.58 -2.93 -6.37
CA ASN A 88 -11.71 -2.46 -5.30
C ASN A 88 -10.28 -2.86 -5.63
N GLN A 89 -9.32 -2.05 -5.20
CA GLN A 89 -7.92 -2.28 -5.50
C GLN A 89 -7.07 -2.29 -4.24
N CYS A 90 -6.03 -3.13 -4.24
CA CYS A 90 -5.06 -3.15 -3.16
C CYS A 90 -3.66 -3.17 -3.74
N VAL A 91 -2.77 -2.38 -3.15
CA VAL A 91 -1.39 -2.30 -3.58
C VAL A 91 -0.54 -2.96 -2.50
N ILE A 92 0.24 -3.95 -2.92
CA ILE A 92 1.11 -4.72 -2.05
C ILE A 92 2.54 -4.27 -2.31
N ILE A 93 3.28 -4.03 -1.23
CA ILE A 93 4.64 -3.50 -1.32
C ILE A 93 5.51 -4.31 -0.39
N SER A 94 6.47 -5.04 -0.97
CA SER A 94 7.41 -5.85 -0.21
C SER A 94 8.76 -5.18 -0.17
N GLY A 95 9.58 -5.57 0.81
CA GLY A 95 10.90 -4.98 0.95
C GLY A 95 11.53 -5.20 2.32
N GLU A 96 12.84 -5.42 2.34
CA GLU A 96 13.57 -5.41 3.59
C GLU A 96 13.52 -4.03 4.24
N SER A 97 13.77 -4.00 5.54
CA SER A 97 13.85 -2.74 6.28
C SER A 97 14.82 -1.79 5.60
N GLY A 98 14.30 -0.64 5.18
CA GLY A 98 15.09 0.37 4.50
C GLY A 98 15.09 0.29 2.99
N ALA A 99 14.26 -0.57 2.39
CA ALA A 99 14.21 -0.72 0.95
C ALA A 99 13.36 0.37 0.29
N GLY A 100 12.47 1.00 1.05
CA GLY A 100 11.68 2.10 0.56
C GLY A 100 10.19 1.81 0.39
N LYS A 101 9.66 0.87 1.19
CA LYS A 101 8.23 0.59 1.14
C LYS A 101 7.42 1.83 1.49
N THR A 102 7.80 2.51 2.58
CA THR A 102 7.00 3.62 3.09
C THR A 102 6.99 4.79 2.11
N GLU A 103 8.15 5.08 1.50
CA GLU A 103 8.23 6.16 0.53
C GLU A 103 7.39 5.86 -0.71
N ALA A 104 7.38 4.60 -1.16
CA ALA A 104 6.56 4.22 -2.30
C ALA A 104 5.07 4.33 -1.95
N ALA A 105 4.71 3.95 -0.73
CA ALA A 105 3.33 4.06 -0.28
C ALA A 105 2.88 5.52 -0.36
N LYS A 106 3.74 6.42 0.14
CA LYS A 106 3.41 7.84 0.14
C LYS A 106 3.33 8.41 -1.27
N ARG A 107 4.22 7.97 -2.18
CA ARG A 107 4.10 8.41 -3.57
C ARG A 107 2.82 7.90 -4.23
N ILE A 108 2.34 6.72 -3.85
CA ILE A 108 1.06 6.26 -4.40
C ILE A 108 -0.07 7.13 -3.89
N MET A 109 -0.09 7.42 -2.58
CA MET A 109 -1.14 8.28 -2.05
C MET A 109 -1.12 9.64 -2.76
N GLN A 110 0.07 10.23 -2.85
CA GLN A 110 0.26 11.50 -3.57
C GLN A 110 -0.34 11.48 -4.96
N TYR A 111 -0.04 10.43 -5.73
CA TYR A 111 -0.61 10.32 -7.07
C TYR A 111 -2.13 10.27 -7.01
N ILE A 112 -2.69 9.45 -6.12
CA ILE A 112 -4.15 9.31 -6.10
C ILE A 112 -4.80 10.64 -5.75
N ALA A 113 -4.25 11.33 -4.76
CA ALA A 113 -4.81 12.60 -4.31
C ALA A 113 -4.82 13.62 -5.44
N SER A 114 -3.66 13.83 -6.07
CA SER A 114 -3.58 14.72 -7.23
C SER A 114 -4.54 14.33 -8.35
N VAL A 115 -4.51 13.07 -8.80
CA VAL A 115 -5.29 12.69 -9.99
C VAL A 115 -6.78 12.71 -9.70
N SER A 116 -7.20 12.29 -8.50
CA SER A 116 -8.61 11.99 -8.29
C SER A 116 -9.49 13.23 -8.33
N GLY A 117 -8.90 14.42 -8.37
CA GLY A 117 -9.62 15.68 -8.37
C GLY A 117 -10.65 15.76 -7.27
N GLY A 118 -11.76 16.41 -7.58
CA GLY A 118 -12.74 16.84 -6.59
C GLY A 118 -12.58 18.30 -6.23
N GLU A 119 -13.60 19.11 -6.52
CA GLU A 119 -13.58 20.52 -6.21
C GLU A 119 -14.36 20.88 -4.95
N SER A 120 -15.20 19.97 -4.45
CA SER A 120 -15.93 20.17 -3.21
C SER A 120 -14.99 20.48 -2.05
N GLY A 121 -15.49 21.24 -1.07
CA GLY A 121 -14.69 21.56 0.09
C GLY A 121 -14.41 20.35 0.98
N ASP A 122 -15.44 19.52 1.19
CA ASP A 122 -15.27 18.33 2.03
C ASP A 122 -14.18 17.44 1.45
N ILE A 123 -14.19 17.29 0.13
CA ILE A 123 -13.20 16.44 -0.54
C ILE A 123 -11.79 16.90 -0.20
N LYS A 124 -11.51 18.19 -0.43
CA LYS A 124 -10.19 18.72 -0.12
C LYS A 124 -9.85 18.51 1.35
N GLN A 125 -10.86 18.53 2.23
CA GLN A 125 -10.64 18.16 3.63
C GLN A 125 -10.03 16.77 3.72
N ILE A 126 -10.72 15.80 3.12
CA ILE A 126 -10.22 14.42 3.10
C ILE A 126 -8.80 14.35 2.58
N LYS A 127 -8.56 14.92 1.40
CA LYS A 127 -7.23 14.78 0.79
C LYS A 127 -6.16 15.36 1.71
N ASP A 128 -6.45 16.48 2.38
CA ASP A 128 -5.43 17.14 3.20
C ASP A 128 -5.21 16.38 4.50
N MET A 129 -6.28 15.80 5.08
CA MET A 129 -6.14 15.05 6.32
C MET A 129 -5.45 13.72 6.10
N VAL A 130 -5.84 13.00 5.04
CA VAL A 130 -5.09 11.83 4.59
C VAL A 130 -3.60 12.18 4.54
N LEU A 131 -3.26 13.25 3.82
CA LEU A 131 -1.85 13.58 3.68
C LEU A 131 -1.23 13.94 5.04
N ALA A 132 -2.02 14.51 5.95
CA ALA A 132 -1.49 14.97 7.23
C ALA A 132 -1.23 13.81 8.16
N THR A 133 -1.93 12.69 7.93
CA THR A 133 -1.69 11.46 8.66
C THR A 133 -0.22 11.02 8.58
N ASN A 134 0.40 11.19 7.41
CA ASN A 134 1.81 10.81 7.21
C ASN A 134 2.73 11.43 8.27
N PRO A 135 2.75 12.75 8.47
CA PRO A 135 3.69 13.28 9.48
C PRO A 135 3.32 12.87 10.89
N LEU A 136 2.02 12.70 11.17
CA LEU A 136 1.61 12.34 12.52
C LEU A 136 2.04 10.92 12.85
N LEU A 137 1.65 9.97 11.99
CA LEU A 137 1.97 8.58 12.23
C LEU A 137 3.48 8.35 12.18
N GLU A 138 4.18 8.93 11.20
CA GLU A 138 5.64 8.82 11.20
C GLU A 138 6.24 9.34 12.51
N SER A 139 5.69 10.41 13.08
CA SER A 139 6.31 10.95 14.28
C SER A 139 6.06 10.05 15.47
N PHE A 140 4.95 9.32 15.49
CA PHE A 140 4.67 8.48 16.65
C PHE A 140 5.08 7.03 16.48
N GLY A 141 5.26 6.54 15.26
CA GLY A 141 5.56 5.15 15.00
C GLY A 141 6.86 4.86 14.26
N ASN A 142 7.57 5.89 13.79
CA ASN A 142 8.86 5.70 13.15
C ASN A 142 9.99 6.15 14.08
N ALA A 143 11.16 5.53 13.92
CA ALA A 143 12.32 5.83 14.75
C ALA A 143 13.58 5.32 14.06
N LYS A 144 14.73 5.84 14.49
CA LYS A 144 15.99 5.47 13.86
C LYS A 144 16.45 4.13 14.39
N THR A 145 16.54 3.14 13.50
CA THR A 145 17.19 1.87 13.76
C THR A 145 18.48 1.80 12.95
N LEU A 146 19.29 0.78 13.24
CA LEU A 146 20.55 0.61 12.53
C LEU A 146 20.34 0.41 11.02
N ARG A 147 19.18 -0.09 10.62
CA ARG A 147 18.90 -0.46 9.24
C ARG A 147 18.22 0.64 8.43
N ASN A 148 17.70 1.68 9.09
CA ASN A 148 16.91 2.70 8.42
C ASN A 148 16.67 3.86 9.38
N ASN A 149 16.91 5.09 8.90
CA ASN A 149 16.77 6.28 9.73
C ASN A 149 15.32 6.66 9.97
N ASN A 150 14.43 6.40 9.02
CA ASN A 150 13.00 6.65 9.21
C ASN A 150 12.26 5.32 9.12
N SER A 151 12.47 4.48 10.14
CA SER A 151 12.05 3.09 10.13
C SER A 151 10.64 2.93 10.70
N SER A 152 9.71 2.45 9.88
CA SER A 152 8.38 2.13 10.36
C SER A 152 8.46 1.05 11.45
N ARG A 153 7.99 1.37 12.67
CA ARG A 153 7.96 0.42 13.76
C ARG A 153 6.55 -0.09 14.03
N PHE A 154 5.65 0.11 13.07
CA PHE A 154 4.29 -0.38 13.11
C PHE A 154 3.88 -0.72 11.69
N GLY A 155 2.87 -1.56 11.55
CA GLY A 155 2.36 -1.92 10.25
C GLY A 155 1.09 -1.15 9.97
N LYS A 156 0.81 -0.93 8.68
CA LYS A 156 -0.29 -0.05 8.32
C LYS A 156 -0.98 -0.56 7.06
N TYR A 157 -2.30 -0.51 7.06
CA TYR A 157 -3.11 -0.74 5.87
C TYR A 157 -4.07 0.44 5.75
N LEU A 158 -3.81 1.33 4.81
CA LEU A 158 -4.67 2.47 4.56
C LEU A 158 -5.68 2.16 3.45
N GLN A 159 -6.95 2.39 3.71
CA GLN A 159 -8.00 2.28 2.70
C GLN A 159 -8.60 3.64 2.40
N ILE A 160 -8.64 4.00 1.11
CA ILE A 160 -9.29 5.22 0.65
C ILE A 160 -10.61 4.81 -0.01
N TYR A 161 -11.70 5.40 0.51
CA TYR A 161 -13.07 5.19 0.07
C TYR A 161 -13.48 6.27 -0.93
N PHE A 162 -13.91 5.84 -2.12
CA PHE A 162 -14.35 6.69 -3.22
C PHE A 162 -15.84 6.58 -3.47
N ASN A 163 -16.44 7.71 -3.83
CA ASN A 163 -17.80 7.83 -4.36
C ASN A 163 -17.82 7.53 -5.86
N THR A 164 -19.02 7.50 -6.43
CA THR A 164 -19.19 7.13 -7.84
C THR A 164 -18.41 8.05 -8.78
N GLN A 165 -18.13 9.28 -8.37
CA GLN A 165 -17.34 10.20 -9.20
C GLN A 165 -15.84 9.92 -9.11
N GLY A 166 -15.42 8.91 -8.36
CA GLY A 166 -14.02 8.60 -8.24
C GLY A 166 -13.27 9.57 -7.38
N GLU A 167 -13.97 10.27 -6.47
CA GLU A 167 -13.37 11.26 -5.58
C GLU A 167 -13.14 10.68 -4.18
N PRO A 168 -12.08 11.13 -3.50
CA PRO A 168 -11.84 10.70 -2.11
C PRO A 168 -12.87 11.20 -1.13
N VAL A 169 -13.70 10.31 -0.60
CA VAL A 169 -14.68 10.65 0.42
C VAL A 169 -14.18 10.30 1.82
N GLY A 170 -13.44 9.20 1.95
CA GLY A 170 -12.98 8.88 3.30
C GLY A 170 -11.80 7.94 3.33
N ALA A 171 -11.25 7.75 4.53
CA ALA A 171 -10.09 6.89 4.71
C ALA A 171 -10.26 6.06 5.98
N ASP A 172 -9.41 5.05 6.12
CA ASP A 172 -9.44 4.14 7.26
C ASP A 172 -8.02 3.58 7.42
N ILE A 173 -7.44 3.71 8.63
CA ILE A 173 -6.11 3.18 8.93
C ILE A 173 -6.23 1.98 9.85
N THR A 174 -5.78 0.81 9.38
CA THR A 174 -5.62 -0.39 10.20
C THR A 174 -4.16 -0.58 10.62
N ASN A 175 -3.89 -0.56 11.94
CA ASN A 175 -2.53 -0.61 12.43
C ASN A 175 -2.23 -2.02 12.95
N TYR A 176 -1.01 -2.48 12.69
CA TYR A 176 -0.49 -3.71 13.25
C TYR A 176 0.44 -3.41 14.43
N LEU A 177 0.76 -4.46 15.18
CA LEU A 177 1.42 -4.32 16.48
C LEU A 177 2.61 -3.37 16.43
N LEU A 178 2.62 -2.39 17.31
CA LEU A 178 3.69 -1.40 17.43
C LEU A 178 4.81 -1.91 18.34
N GLU A 179 6.04 -1.51 18.02
CA GLU A 179 7.21 -1.86 18.83
C GLU A 179 7.29 -0.95 20.06
N LYS A 180 6.40 -1.22 21.03
CA LYS A 180 6.33 -0.37 22.22
C LYS A 180 7.62 -0.40 23.03
N SER A 181 8.40 -1.48 22.93
CA SER A 181 9.58 -1.63 23.78
C SER A 181 10.59 -0.53 23.49
N ARG A 182 10.61 -0.05 22.25
CA ARG A 182 11.47 1.07 21.86
C ARG A 182 11.37 2.21 22.86
N VAL A 183 10.16 2.48 23.35
CA VAL A 183 9.91 3.56 24.30
C VAL A 183 10.90 3.56 25.46
N VAL A 184 11.32 2.39 25.93
CA VAL A 184 12.05 2.30 27.20
C VAL A 184 13.50 1.90 27.00
N GLY A 185 13.96 1.70 25.78
CA GLY A 185 15.34 1.33 25.57
C GLY A 185 15.67 1.08 24.12
N GLN A 186 16.89 1.36 23.71
CA GLN A 186 17.31 1.09 22.34
C GLN A 186 18.75 0.58 22.29
N ILE A 187 19.03 -0.22 21.26
CA ILE A 187 20.38 -0.56 20.87
C ILE A 187 21.20 0.74 20.82
N THR A 188 22.48 0.67 21.20
CA THR A 188 23.37 1.82 21.00
C THR A 188 23.35 2.31 19.56
N ASN A 189 23.24 3.64 19.41
CA ASN A 189 23.15 4.43 18.18
C ASN A 189 21.76 4.40 17.54
N GLU A 190 20.78 3.77 18.17
CA GLU A 190 19.39 3.85 17.72
C GLU A 190 18.70 4.95 18.53
N ARG A 191 17.60 5.48 17.99
CA ARG A 191 16.82 6.44 18.75
C ARG A 191 15.51 5.85 19.22
N ASN A 192 14.87 6.58 20.14
CA ASN A 192 13.45 6.39 20.42
C ASN A 192 12.63 6.91 19.24
N PHE A 193 11.31 6.71 19.33
CA PHE A 193 10.37 7.27 18.37
C PHE A 193 10.66 8.75 18.13
N HIS A 194 10.44 9.20 16.89
CA HIS A 194 10.75 10.57 16.51
C HIS A 194 10.10 11.59 17.44
N ILE A 195 8.83 11.35 17.78
CA ILE A 195 8.06 12.32 18.58
C ILE A 195 8.82 12.74 19.83
N PHE A 196 9.52 11.82 20.49
CA PHE A 196 10.13 12.19 21.77
C PHE A 196 11.24 13.20 21.56
N TYR A 197 11.94 13.13 20.44
CA TYR A 197 13.02 14.08 20.19
C TYR A 197 12.47 15.38 19.65
N GLN A 198 11.46 15.32 18.78
CA GLN A 198 10.73 16.52 18.38
C GLN A 198 10.27 17.30 19.60
N PHE A 199 9.57 16.64 20.51
CA PHE A 199 8.90 17.30 21.62
C PHE A 199 9.89 17.74 22.69
N ALA A 200 10.82 16.86 23.09
CA ALA A 200 11.86 17.26 24.02
C ALA A 200 12.63 18.47 23.52
N LYS A 201 12.98 18.49 22.22
CA LYS A 201 13.84 19.56 21.71
C LYS A 201 13.07 20.86 21.47
N GLY A 202 11.81 20.77 21.06
CA GLY A 202 11.10 21.95 20.60
C GLY A 202 9.82 22.30 21.33
N ALA A 203 9.65 21.77 22.53
CA ALA A 203 8.41 22.00 23.27
C ALA A 203 8.16 23.49 23.46
N SER A 204 6.91 23.90 23.28
CA SER A 204 6.47 25.25 23.63
C SER A 204 6.86 25.63 25.06
N GLN A 205 6.93 26.93 25.32
CA GLN A 205 7.17 27.44 26.66
C GLN A 205 6.10 26.97 27.65
N GLN A 206 4.81 27.07 27.25
CA GLN A 206 3.74 26.56 28.11
C GLN A 206 4.03 25.13 28.53
N TYR A 207 4.11 24.25 27.53
CA TYR A 207 4.37 22.83 27.76
C TYR A 207 5.59 22.66 28.68
N ARG A 208 6.69 23.34 28.34
CA ARG A 208 7.91 23.22 29.12
C ARG A 208 7.73 23.64 30.57
N GLU A 209 6.67 24.39 30.87
CA GLU A 209 6.48 24.91 32.23
C GLU A 209 5.48 24.06 33.02
N THR A 210 4.31 23.81 32.43
CA THR A 210 3.33 22.93 33.05
C THR A 210 3.85 21.50 33.16
N PHE A 211 4.35 20.97 32.05
CA PHE A 211 4.68 19.55 31.91
C PHE A 211 6.16 19.23 32.15
N GLY A 212 6.97 20.22 32.55
CA GLY A 212 8.32 19.90 33.00
C GLY A 212 9.27 19.44 31.91
N VAL A 213 8.89 19.60 30.65
CA VAL A 213 9.53 18.99 29.49
C VAL A 213 10.93 19.59 29.31
N GLN A 214 11.96 18.82 29.65
CA GLN A 214 13.32 19.28 29.44
C GLN A 214 13.82 18.80 28.06
N LYS A 215 15.13 18.91 27.84
CA LYS A 215 15.80 18.54 26.60
C LYS A 215 16.15 17.06 26.63
N PRO A 216 16.17 16.38 25.47
CA PRO A 216 16.18 14.91 25.47
C PRO A 216 17.39 14.32 26.15
N GLU A 217 18.49 15.08 26.23
CA GLU A 217 19.72 14.60 26.84
C GLU A 217 19.54 14.30 28.32
N THR A 218 18.51 14.89 28.96
CA THR A 218 18.23 14.68 30.37
C THR A 218 17.42 13.43 30.66
N TYR A 219 16.83 12.79 29.67
CA TYR A 219 16.03 11.58 29.86
C TYR A 219 16.80 10.32 29.47
N VAL A 220 16.66 9.28 30.30
CA VAL A 220 17.24 7.98 29.97
C VAL A 220 16.59 7.41 28.73
N TYR A 221 15.26 7.51 28.62
CA TYR A 221 14.55 6.91 27.50
C TYR A 221 14.96 7.52 26.16
N THR A 222 15.58 8.70 26.16
CA THR A 222 15.91 9.40 24.93
C THR A 222 17.40 9.70 24.76
N SER A 223 18.22 9.46 25.78
CA SER A 223 19.63 9.78 25.73
C SER A 223 20.54 8.59 25.99
N ARG A 224 20.06 7.57 26.72
CA ARG A 224 20.88 6.43 27.10
C ARG A 224 21.51 5.74 25.89
N SER A 225 20.89 5.86 24.71
CA SER A 225 21.36 5.16 23.54
C SER A 225 22.50 5.90 22.85
N LYS A 226 22.80 7.12 23.30
CA LYS A 226 23.93 7.93 22.84
C LYS A 226 23.70 8.45 21.42
N CYS A 227 22.43 8.60 21.04
CA CYS A 227 22.06 9.21 19.76
C CYS A 227 20.91 10.19 19.99
N LEU A 228 21.14 11.46 19.69
CA LEU A 228 20.16 12.51 19.84
C LEU A 228 19.83 13.19 18.51
N ASP A 229 20.77 13.21 17.57
CA ASP A 229 20.66 13.80 16.25
C ASP A 229 20.74 12.71 15.18
N VAL A 230 19.94 12.83 14.12
CA VAL A 230 19.99 11.91 12.98
C VAL A 230 20.30 12.69 11.71
N ASP A 231 21.26 12.18 10.91
CA ASP A 231 21.51 12.64 9.55
C ASP A 231 20.22 12.86 8.76
N GLY A 232 20.06 14.08 8.24
CA GLY A 232 18.98 14.33 7.31
C GLY A 232 17.63 14.54 7.96
N ILE A 233 17.59 14.67 9.28
CA ILE A 233 16.37 14.78 10.07
C ILE A 233 16.50 16.03 10.92
N ASP A 234 15.67 17.04 10.65
CA ASP A 234 15.60 18.25 11.48
C ASP A 234 14.41 18.08 12.43
N ASP A 235 14.72 17.92 13.72
CA ASP A 235 13.68 17.57 14.69
C ASP A 235 12.73 18.73 14.93
N LEU A 236 13.22 19.98 14.94
CA LEU A 236 12.34 21.11 15.28
C LEU A 236 11.38 21.43 14.13
N ALA A 237 11.88 21.39 12.90
CA ALA A 237 11.03 21.49 11.73
C ALA A 237 9.94 20.42 11.77
N GLU A 238 10.34 19.19 12.10
CA GLU A 238 9.41 18.08 12.07
C GLU A 238 8.39 18.17 13.21
N PHE A 239 8.81 18.69 14.37
CA PHE A 239 7.86 18.96 15.45
C PHE A 239 6.78 19.93 14.97
N GLU A 240 7.18 20.97 14.23
CA GLU A 240 6.19 21.90 13.71
C GLU A 240 5.25 21.22 12.72
N ASP A 241 5.80 20.34 11.87
CA ASP A 241 4.94 19.57 10.97
C ASP A 241 3.93 18.74 11.77
N THR A 242 4.38 18.15 12.87
CA THR A 242 3.50 17.33 13.69
C THR A 242 2.33 18.15 14.18
N LEU A 243 2.64 19.31 14.77
CA LEU A 243 1.61 20.18 15.35
C LEU A 243 0.59 20.63 14.29
N ASN A 244 1.08 21.15 13.16
CA ASN A 244 0.16 21.50 12.08
C ASN A 244 -0.73 20.32 11.69
N ALA A 245 -0.14 19.13 11.52
CA ALA A 245 -0.92 17.99 11.06
C ALA A 245 -1.99 17.62 12.08
N MET A 246 -1.64 17.71 13.36
CA MET A 246 -2.63 17.46 14.41
C MET A 246 -3.77 18.44 14.28
N LYS A 247 -3.46 19.69 13.93
CA LYS A 247 -4.50 20.68 13.74
C LYS A 247 -5.38 20.33 12.54
N VAL A 248 -4.77 20.00 11.41
CA VAL A 248 -5.52 19.61 10.20
C VAL A 248 -6.46 18.47 10.51
N ILE A 249 -6.06 17.57 11.41
CA ILE A 249 -6.83 16.35 11.61
C ILE A 249 -8.00 16.62 12.54
N GLY A 250 -7.92 17.70 13.30
CA GLY A 250 -8.99 18.17 14.13
C GLY A 250 -8.80 18.01 15.61
N LEU A 251 -7.56 17.83 16.07
CA LEU A 251 -7.29 17.76 17.50
C LEU A 251 -7.43 19.16 18.09
N SER A 252 -8.35 19.33 19.03
CA SER A 252 -8.40 20.54 19.83
C SER A 252 -7.15 20.69 20.69
N GLN A 253 -6.91 21.93 21.11
CA GLN A 253 -5.77 22.21 21.96
C GLN A 253 -5.78 21.43 23.27
N PRO A 254 -6.93 21.14 23.90
CA PRO A 254 -6.91 20.19 25.04
C PRO A 254 -6.45 18.79 24.68
N GLU A 255 -7.03 18.17 23.65
CA GLU A 255 -6.57 16.86 23.20
C GLU A 255 -5.05 16.82 23.01
N GLN A 256 -4.51 17.82 22.31
CA GLN A 256 -3.07 17.91 22.12
C GLN A 256 -2.35 18.02 23.46
N ASP A 257 -2.94 18.74 24.41
CA ASP A 257 -2.28 18.94 25.70
C ASP A 257 -2.22 17.63 26.45
N GLN A 258 -3.27 16.82 26.34
CA GLN A 258 -3.32 15.52 26.99
C GLN A 258 -2.25 14.61 26.42
N ILE A 259 -2.20 14.52 25.09
CA ILE A 259 -1.16 13.74 24.41
C ILE A 259 0.22 14.11 24.95
N PHE A 260 0.54 15.40 24.94
CA PHE A 260 1.90 15.79 25.31
C PHE A 260 2.14 15.70 26.81
N ARG A 261 1.08 15.75 27.62
CA ARG A 261 1.18 15.41 29.03
C ARG A 261 1.61 13.96 29.21
N MET A 262 1.01 13.06 28.43
CA MET A 262 1.36 11.65 28.52
C MET A 262 2.80 11.40 28.06
N LEU A 263 3.22 12.04 26.97
CA LEU A 263 4.60 11.89 26.53
C LEU A 263 5.58 12.37 27.60
N SER A 264 5.27 13.50 28.24
CA SER A 264 6.15 14.02 29.28
C SER A 264 6.14 13.11 30.51
N ALA A 265 4.97 12.57 30.85
CA ALA A 265 4.88 11.59 31.93
C ALA A 265 5.77 10.40 31.65
N ILE A 266 5.72 9.89 30.42
CA ILE A 266 6.58 8.77 30.03
C ILE A 266 8.04 9.10 30.30
N LEU A 267 8.51 10.24 29.78
CA LEU A 267 9.93 10.59 29.97
C LEU A 267 10.29 10.69 31.46
N TRP A 268 9.39 11.26 32.25
CA TRP A 268 9.67 11.44 33.67
C TRP A 268 9.64 10.10 34.40
N ILE A 269 8.72 9.22 34.02
CA ILE A 269 8.66 7.89 34.61
C ILE A 269 9.95 7.17 34.30
N GLY A 270 10.51 7.42 33.11
CA GLY A 270 11.73 6.78 32.70
C GLY A 270 12.91 7.20 33.53
N ASN A 271 12.82 8.38 34.15
CA ASN A 271 13.95 8.80 34.98
C ASN A 271 13.86 8.29 36.42
N ILE A 272 12.76 7.62 36.80
CA ILE A 272 12.67 7.03 38.14
C ILE A 272 13.66 5.89 38.30
N GLN A 273 14.49 5.98 39.34
CA GLN A 273 15.53 5.00 39.63
C GLN A 273 15.32 4.46 41.05
N PHE A 274 15.77 3.21 41.28
CA PHE A 274 15.57 2.52 42.54
C PHE A 274 16.88 2.07 43.17
N GLN A 275 16.93 2.05 44.50
CA GLN A 275 17.96 1.39 45.28
C GLN A 275 17.34 0.34 46.18
N GLU A 276 18.19 -0.42 46.86
CA GLU A 276 17.78 -1.59 47.64
C GLU A 276 17.68 -1.18 49.11
N ASP A 277 16.53 -1.43 49.74
CA ASP A 277 16.34 -1.00 51.12
C ASP A 277 16.92 -2.04 52.10
N GLN A 278 16.58 -1.89 53.38
CA GLN A 278 17.12 -2.76 54.42
C GLN A 278 16.66 -4.21 54.25
N GLY A 279 15.50 -4.41 53.62
CA GLY A 279 14.96 -5.73 53.39
C GLY A 279 15.23 -6.30 52.01
N GLY A 280 15.99 -5.60 51.18
CA GLY A 280 16.17 -6.01 49.81
C GLY A 280 15.09 -5.52 48.86
N TYR A 281 14.22 -4.62 49.31
CA TYR A 281 13.12 -4.12 48.51
C TYR A 281 13.52 -2.87 47.73
N ALA A 282 12.69 -2.53 46.76
CA ALA A 282 12.95 -1.37 45.91
C ALA A 282 12.52 -0.11 46.65
N GLU A 283 13.36 0.92 46.57
CA GLU A 283 13.14 2.20 47.22
C GLU A 283 13.53 3.29 46.22
N VAL A 284 12.66 4.29 46.03
CA VAL A 284 12.95 5.32 45.05
C VAL A 284 14.18 6.11 45.47
N THR A 285 15.00 6.48 44.48
CA THR A 285 16.26 7.18 44.74
C THR A 285 16.04 8.67 44.94
N ASP A 286 15.29 9.32 44.05
CA ASP A 286 15.06 10.77 44.14
C ASP A 286 13.56 11.03 44.17
N ARG A 287 13.06 11.45 45.34
CA ARG A 287 11.63 11.63 45.53
C ARG A 287 11.05 12.65 44.56
N SER A 288 11.85 13.65 44.16
CA SER A 288 11.31 14.74 43.35
C SER A 288 10.89 14.24 41.97
N VAL A 289 11.59 13.23 41.47
CA VAL A 289 11.28 12.70 40.15
C VAL A 289 9.94 11.99 40.19
N VAL A 290 9.76 11.11 41.18
CA VAL A 290 8.50 10.40 41.33
C VAL A 290 7.36 11.38 41.58
N ASP A 291 7.62 12.41 42.40
CA ASP A 291 6.59 13.41 42.67
C ASP A 291 6.12 14.07 41.38
N PHE A 292 7.06 14.48 40.52
CA PHE A 292 6.65 15.09 39.27
C PHE A 292 5.94 14.10 38.35
N ALA A 293 6.41 12.85 38.33
CA ALA A 293 5.77 11.84 37.50
C ALA A 293 4.33 11.65 37.94
N ALA A 294 4.10 11.64 39.26
CA ALA A 294 2.76 11.48 39.80
C ALA A 294 1.89 12.68 39.48
N TYR A 295 2.46 13.89 39.55
CA TYR A 295 1.73 15.08 39.13
C TYR A 295 1.23 14.88 37.72
N LEU A 296 2.12 14.43 36.83
CA LEU A 296 1.76 14.28 35.42
C LEU A 296 0.69 13.21 35.26
N MET A 297 0.77 12.16 36.06
CA MET A 297 -0.20 11.07 36.05
C MET A 297 -1.47 11.41 36.83
N GLU A 298 -1.46 12.52 37.58
CA GLU A 298 -2.60 12.96 38.39
C GLU A 298 -2.96 11.90 39.44
N VAL A 299 -1.92 11.39 40.11
CA VAL A 299 -2.04 10.44 41.20
C VAL A 299 -1.11 10.89 42.33
N THR A 300 -1.33 10.33 43.52
CA THR A 300 -0.40 10.68 44.59
C THR A 300 0.90 9.89 44.42
N PRO A 301 2.02 10.45 44.89
CA PRO A 301 3.29 9.69 44.85
C PRO A 301 3.21 8.32 45.52
N ASP A 302 2.51 8.22 46.66
CA ASP A 302 2.32 6.90 47.26
C ASP A 302 1.67 5.94 46.28
N GLN A 303 0.67 6.40 45.53
CA GLN A 303 -0.04 5.53 44.60
C GLN A 303 0.89 5.08 43.47
N LEU A 304 1.63 6.02 42.88
CA LEU A 304 2.57 5.67 41.81
C LEU A 304 3.62 4.69 42.31
N ILE A 305 4.24 4.99 43.45
CA ILE A 305 5.25 4.11 44.02
C ILE A 305 4.68 2.71 44.29
N LYS A 306 3.53 2.64 44.97
CA LYS A 306 2.88 1.34 45.19
C LYS A 306 2.65 0.60 43.87
N GLY A 307 2.14 1.31 42.85
CA GLY A 307 1.82 0.66 41.60
C GLY A 307 3.05 0.13 40.90
N ILE A 308 4.18 0.80 41.10
CA ILE A 308 5.43 0.41 40.47
C ILE A 308 6.16 -0.66 41.30
N THR A 309 5.95 -0.68 42.61
CA THR A 309 6.80 -1.40 43.55
C THR A 309 6.08 -2.52 44.31
N ILE A 310 4.77 -2.69 44.17
CA ILE A 310 4.08 -3.75 44.90
C ILE A 310 3.29 -4.62 43.93
N ARG A 311 3.63 -5.91 43.89
CA ARG A 311 2.95 -6.88 43.07
C ARG A 311 1.79 -7.54 43.83
N ILE A 312 0.62 -7.54 43.23
CA ILE A 312 -0.56 -8.23 43.76
C ILE A 312 -0.56 -9.69 43.27
N LEU A 313 -0.37 -10.62 44.20
CA LEU A 313 -0.28 -12.04 43.93
C LEU A 313 -1.53 -12.74 44.43
N THR A 314 -2.18 -13.56 43.57
CA THR A 314 -3.32 -14.37 43.97
C THR A 314 -3.00 -15.85 43.77
N PRO A 315 -2.35 -16.49 44.77
CA PRO A 315 -2.09 -17.93 44.69
C PRO A 315 -3.29 -18.86 44.86
N ARG A 316 -4.07 -18.68 45.91
CA ARG A 316 -5.35 -19.38 46.02
C ARG A 316 -6.47 -18.44 45.59
N ASN A 317 -7.68 -19.01 45.48
CA ASN A 317 -8.84 -18.23 45.07
C ASN A 317 -9.05 -17.05 46.02
N GLY A 318 -9.17 -17.32 47.31
CA GLY A 318 -9.53 -16.31 48.29
C GLY A 318 -8.36 -15.71 49.04
N GLU A 319 -7.14 -15.85 48.52
CA GLU A 319 -5.93 -15.30 49.13
C GLU A 319 -5.29 -14.29 48.20
N VAL A 320 -4.99 -13.09 48.72
CA VAL A 320 -4.24 -12.07 47.99
C VAL A 320 -3.08 -11.56 48.83
N ILE A 321 -1.88 -11.57 48.25
CA ILE A 321 -0.63 -11.19 48.91
C ILE A 321 -0.05 -9.97 48.21
N GLU A 322 0.39 -8.99 49.00
CA GLU A 322 1.12 -7.83 48.50
C GLU A 322 2.63 -8.07 48.65
N SER A 323 3.31 -8.33 47.54
CA SER A 323 4.74 -8.67 47.56
C SER A 323 5.57 -7.50 47.07
N PRO A 324 6.40 -6.90 47.92
CA PRO A 324 7.26 -5.79 47.47
C PRO A 324 8.28 -6.24 46.44
N ALA A 325 8.42 -5.45 45.38
CA ALA A 325 9.39 -5.73 44.33
C ALA A 325 10.81 -5.34 44.75
N ASN A 326 11.78 -6.11 44.25
CA ASN A 326 13.19 -5.72 44.28
C ASN A 326 13.49 -4.72 43.15
N PRO A 327 14.64 -4.03 43.22
CA PRO A 327 14.92 -2.95 42.24
C PRO A 327 14.76 -3.35 40.78
N ALA A 328 15.26 -4.53 40.39
CA ALA A 328 15.12 -4.99 39.02
C ALA A 328 13.65 -5.14 38.63
N GLN A 329 12.87 -5.78 39.51
CA GLN A 329 11.45 -6.00 39.24
C GLN A 329 10.73 -4.66 39.12
N ALA A 330 11.16 -3.68 39.92
CA ALA A 330 10.51 -2.37 39.91
C ALA A 330 10.85 -1.61 38.63
N GLN A 331 12.08 -1.74 38.14
CA GLN A 331 12.41 -1.21 36.81
C GLN A 331 11.55 -1.87 35.74
N ALA A 332 11.36 -3.19 35.82
CA ALA A 332 10.50 -3.88 34.87
C ALA A 332 9.10 -3.30 34.85
N THR A 333 8.52 -3.05 36.04
CA THR A 333 7.15 -2.53 36.08
C THR A 333 7.10 -1.07 35.63
N ARG A 334 8.10 -0.27 36.01
CA ARG A 334 8.25 1.08 35.48
C ARG A 334 8.18 1.09 33.95
N ASP A 335 8.98 0.24 33.30
CA ASP A 335 8.98 0.21 31.84
C ASP A 335 7.68 -0.35 31.31
N ALA A 336 7.01 -1.21 32.08
CA ALA A 336 5.74 -1.76 31.64
C ALA A 336 4.69 -0.66 31.58
N LEU A 337 4.75 0.25 32.55
CA LEU A 337 3.84 1.39 32.58
C LEU A 337 4.11 2.33 31.42
N ALA A 338 5.38 2.73 31.25
CA ALA A 338 5.74 3.58 30.12
C ALA A 338 5.28 3.01 28.78
N MET A 339 5.53 1.70 28.57
CA MET A 339 5.12 1.06 27.32
C MET A 339 3.61 1.04 27.19
N ALA A 340 2.88 0.78 28.28
CA ALA A 340 1.43 0.69 28.18
C ALA A 340 0.84 2.04 27.81
N ILE A 341 1.34 3.10 28.46
CA ILE A 341 0.89 4.45 28.13
C ILE A 341 1.09 4.70 26.65
N TYR A 342 2.33 4.51 26.16
CA TYR A 342 2.61 4.90 24.79
C TYR A 342 1.81 4.07 23.79
N SER A 343 1.63 2.77 24.09
CA SER A 343 0.92 1.90 23.16
C SER A 343 -0.55 2.29 23.08
N ASN A 344 -1.15 2.62 24.22
CA ASN A 344 -2.57 2.92 24.23
C ASN A 344 -2.80 4.30 23.63
N LEU A 345 -1.86 5.21 23.88
CA LEU A 345 -1.84 6.51 23.22
C LEU A 345 -1.81 6.37 21.70
N PHE A 346 -0.91 5.53 21.19
CA PHE A 346 -0.84 5.30 19.74
C PHE A 346 -2.16 4.78 19.23
N ASP A 347 -2.77 3.84 19.96
CA ASP A 347 -4.01 3.24 19.48
C ASP A 347 -5.10 4.30 19.46
N TRP A 348 -5.06 5.21 20.43
CA TRP A 348 -6.04 6.28 20.48
C TRP A 348 -5.85 7.23 19.30
N ILE A 349 -4.60 7.59 18.99
CA ILE A 349 -4.32 8.48 17.87
C ILE A 349 -4.85 7.89 16.58
N VAL A 350 -4.67 6.58 16.40
CA VAL A 350 -5.16 5.92 15.19
C VAL A 350 -6.70 5.89 15.16
N GLU A 351 -7.33 5.69 16.32
CA GLU A 351 -8.79 5.66 16.35
C GLU A 351 -9.35 7.04 16.04
N ARG A 352 -8.70 8.07 16.57
CA ARG A 352 -9.13 9.45 16.39
C ARG A 352 -8.98 9.87 14.92
N ILE A 353 -7.84 9.53 14.31
CA ILE A 353 -7.67 9.70 12.86
C ILE A 353 -8.83 9.03 12.13
N ASN A 354 -9.13 7.77 12.47
CA ASN A 354 -10.19 7.04 11.79
C ASN A 354 -11.53 7.78 11.92
N LYS A 355 -11.77 8.41 13.08
CA LYS A 355 -13.02 9.15 13.26
C LYS A 355 -13.03 10.39 12.37
N SER A 356 -11.90 11.10 12.32
CA SER A 356 -11.83 12.33 11.53
C SER A 356 -11.97 12.05 10.04
N LEU A 357 -11.53 10.88 9.59
CA LEU A 357 -11.53 10.55 8.17
C LEU A 357 -12.74 9.72 7.75
N LYS A 358 -13.74 9.55 8.62
CA LYS A 358 -14.84 8.66 8.29
C LYS A 358 -15.63 9.21 7.10
N ALA A 359 -16.10 8.30 6.24
CA ALA A 359 -16.89 8.63 5.07
C ALA A 359 -18.03 9.58 5.42
N ARG A 360 -18.01 10.78 4.81
CA ARG A 360 -19.11 11.73 4.92
C ARG A 360 -20.19 11.56 3.85
N GLN A 361 -19.98 10.70 2.83
CA GLN A 361 -20.97 10.40 1.79
C GLN A 361 -21.09 8.89 1.60
N PRO A 362 -21.98 8.40 0.73
CA PRO A 362 -21.93 6.97 0.38
C PRO A 362 -20.68 6.63 -0.41
N THR A 363 -20.19 5.42 -0.22
CA THR A 363 -18.93 5.00 -0.79
C THR A 363 -19.15 3.83 -1.74
N THR A 364 -18.42 3.85 -2.85
CA THR A 364 -18.61 2.96 -3.97
C THR A 364 -17.46 1.98 -4.12
N ASN A 365 -16.21 2.45 -3.98
CA ASN A 365 -15.07 1.56 -4.19
C ASN A 365 -13.95 1.96 -3.25
N THR A 366 -12.99 1.07 -3.04
CA THR A 366 -11.86 1.35 -2.18
C THR A 366 -10.53 1.02 -2.87
N ILE A 367 -9.50 1.81 -2.52
CA ILE A 367 -8.11 1.48 -2.82
C ILE A 367 -7.34 1.37 -1.51
N GLY A 368 -6.70 0.24 -1.29
CA GLY A 368 -5.90 -0.02 -0.09
C GLY A 368 -4.42 -0.04 -0.43
N ILE A 369 -3.61 0.55 0.45
CA ILE A 369 -2.15 0.54 0.34
C ILE A 369 -1.60 -0.13 1.60
N LEU A 370 -0.89 -1.24 1.42
CA LEU A 370 -0.16 -1.89 2.51
C LEU A 370 1.24 -1.29 2.72
N ASP A 371 1.53 -0.85 3.95
CA ASP A 371 2.89 -0.45 4.35
C ASP A 371 3.24 -1.13 5.67
N ILE A 372 3.77 -2.35 5.60
CA ILE A 372 4.25 -3.10 6.76
C ILE A 372 5.69 -2.72 7.08
N TYR A 373 6.17 -3.13 8.25
CA TYR A 373 7.59 -3.03 8.58
C TYR A 373 8.34 -4.17 7.88
N GLY A 374 9.45 -3.82 7.24
CA GLY A 374 10.19 -4.79 6.44
C GLY A 374 10.99 -5.79 7.24
N PHE A 375 11.37 -6.88 6.54
CA PHE A 375 12.20 -7.93 7.12
C PHE A 375 13.50 -7.33 7.65
N GLU A 376 13.89 -7.72 8.87
CA GLU A 376 15.08 -7.14 9.47
C GLU A 376 15.77 -8.12 10.42
N ILE A 377 17.06 -7.86 10.66
CA ILE A 377 17.94 -8.73 11.44
C ILE A 377 18.90 -7.86 12.23
N PHE A 378 19.02 -8.13 13.53
CA PHE A 378 19.96 -7.39 14.37
C PHE A 378 20.89 -8.39 15.06
N GLU A 379 21.93 -7.87 15.74
CA GLU A 379 22.78 -8.74 16.54
C GLU A 379 22.00 -9.49 17.60
N LYS A 380 20.96 -8.89 18.16
CA LYS A 380 20.03 -9.60 19.03
C LYS A 380 18.64 -9.47 18.43
N ASN A 381 17.93 -10.59 18.38
CA ASN A 381 16.57 -10.65 17.85
C ASN A 381 15.68 -11.27 18.91
N SER A 382 14.62 -10.56 19.26
CA SER A 382 13.62 -11.07 20.19
C SER A 382 12.24 -11.08 19.55
N PHE A 383 11.19 -11.18 20.38
CA PHE A 383 9.82 -11.21 19.89
C PHE A 383 9.54 -10.13 18.83
N GLU A 384 9.95 -8.90 19.08
CA GLU A 384 9.70 -7.81 18.14
C GLU A 384 10.04 -8.23 16.71
N GLN A 385 11.26 -8.72 16.53
CA GLN A 385 11.73 -9.13 15.22
C GLN A 385 10.98 -10.36 14.74
N LEU A 386 10.59 -11.25 15.66
CA LEU A 386 9.84 -12.42 15.25
C LEU A 386 8.49 -12.02 14.66
N CYS A 387 7.82 -11.06 15.30
CA CYS A 387 6.53 -10.58 14.83
C CYS A 387 6.68 -9.91 13.46
N ILE A 388 7.67 -9.02 13.35
CA ILE A 388 7.89 -8.30 12.09
C ILE A 388 8.21 -9.28 10.97
N ASN A 389 9.13 -10.21 11.22
CA ASN A 389 9.56 -11.13 10.18
C ASN A 389 8.44 -12.13 9.85
N TYR A 390 7.58 -12.44 10.82
CA TYR A 390 6.41 -13.26 10.57
C TYR A 390 5.49 -12.57 9.58
N VAL A 391 5.24 -11.28 9.80
CA VAL A 391 4.39 -10.51 8.89
C VAL A 391 5.01 -10.47 7.50
N ASN A 392 6.34 -10.32 7.42
CA ASN A 392 6.98 -10.35 6.10
C ASN A 392 6.85 -11.72 5.46
N GLU A 393 6.86 -12.77 6.25
CA GLU A 393 6.75 -14.13 5.73
C GLU A 393 5.34 -14.34 5.17
N LYS A 394 4.33 -13.88 5.91
CA LYS A 394 2.95 -13.92 5.42
C LYS A 394 2.81 -13.13 4.13
N LEU A 395 3.46 -11.96 4.04
CA LEU A 395 3.33 -11.15 2.85
C LEU A 395 3.99 -11.83 1.66
N GLN A 396 5.16 -12.42 1.90
CA GLN A 396 5.81 -13.24 0.88
C GLN A 396 4.85 -14.30 0.40
N GLN A 397 4.13 -14.92 1.34
CA GLN A 397 3.24 -16.02 0.98
C GLN A 397 2.11 -15.52 0.10
N ILE A 398 1.57 -14.34 0.43
CA ILE A 398 0.56 -13.71 -0.42
C ILE A 398 1.12 -13.48 -1.82
N PHE A 399 2.32 -12.91 -1.90
CA PHE A 399 2.95 -12.65 -3.19
C PHE A 399 3.08 -13.95 -3.98
N ILE A 400 3.63 -14.99 -3.36
CA ILE A 400 3.78 -16.28 -4.03
C ILE A 400 2.42 -16.75 -4.54
N GLN A 401 1.42 -16.73 -3.66
CA GLN A 401 0.08 -17.19 -4.00
C GLN A 401 -0.43 -16.49 -5.25
N LEU A 402 -0.34 -15.16 -5.28
CA LEU A 402 -0.89 -14.38 -6.38
C LEU A 402 0.00 -14.42 -7.63
N THR A 403 1.28 -14.05 -7.49
CA THR A 403 2.18 -13.88 -8.63
C THR A 403 2.56 -15.20 -9.28
N LEU A 404 2.64 -16.30 -8.53
CA LEU A 404 3.16 -17.54 -9.11
C LEU A 404 2.16 -18.68 -9.08
N LYS A 405 1.59 -19.00 -7.91
CA LYS A 405 0.76 -20.21 -7.77
C LYS A 405 -0.57 -20.07 -8.50
N ALA A 406 -1.38 -19.07 -8.11
CA ALA A 406 -2.76 -18.96 -8.58
C ALA A 406 -2.85 -18.90 -10.10
N GLU A 407 -1.94 -18.16 -10.75
CA GLU A 407 -1.98 -18.02 -12.20
C GLU A 407 -1.79 -19.37 -12.89
N GLN A 408 -0.84 -20.17 -12.42
CA GLN A 408 -0.55 -21.44 -13.07
C GLN A 408 -1.69 -22.42 -12.83
N GLU A 409 -2.25 -22.40 -11.62
CA GLU A 409 -3.39 -23.26 -11.33
C GLU A 409 -4.56 -22.90 -12.25
N GLU A 410 -4.73 -21.60 -12.53
CA GLU A 410 -5.79 -21.17 -13.43
C GLU A 410 -5.51 -21.64 -14.86
N TYR A 411 -4.25 -21.62 -15.29
CA TYR A 411 -3.94 -22.18 -16.62
C TYR A 411 -4.37 -23.63 -16.70
N ALA A 412 -4.05 -24.41 -15.66
CA ALA A 412 -4.39 -25.82 -15.68
C ALA A 412 -5.90 -26.04 -15.69
N ARG A 413 -6.65 -25.23 -14.92
CA ARG A 413 -8.10 -25.40 -14.92
C ARG A 413 -8.74 -24.99 -16.24
N GLU A 414 -8.16 -24.01 -16.93
CA GLU A 414 -8.79 -23.43 -18.12
C GLU A 414 -8.34 -24.11 -19.40
N GLN A 415 -7.70 -25.29 -19.28
CA GLN A 415 -7.10 -26.03 -20.39
C GLN A 415 -6.37 -25.13 -21.38
N ILE A 416 -5.49 -24.29 -20.84
CA ILE A 416 -4.48 -23.57 -21.62
C ILE A 416 -3.18 -24.35 -21.56
N GLN A 417 -2.47 -24.43 -22.69
CA GLN A 417 -1.25 -25.22 -22.73
C GLN A 417 -0.18 -24.53 -21.89
N TRP A 418 0.33 -25.24 -20.88
CA TRP A 418 1.23 -24.65 -19.89
C TRP A 418 2.18 -25.71 -19.33
N THR A 419 3.48 -25.40 -19.29
CA THR A 419 4.44 -26.18 -18.52
C THR A 419 4.77 -25.48 -17.20
N PRO A 420 4.34 -26.01 -16.05
CA PRO A 420 4.46 -25.26 -14.79
C PRO A 420 5.90 -24.85 -14.46
N ILE A 421 6.05 -23.59 -14.06
CA ILE A 421 7.32 -23.06 -13.54
C ILE A 421 7.43 -23.40 -12.05
N LYS A 422 8.57 -23.97 -11.65
CA LYS A 422 8.77 -24.35 -10.26
C LYS A 422 9.20 -23.14 -9.42
N TYR A 423 8.77 -23.13 -8.15
CA TYR A 423 9.09 -22.09 -7.19
C TYR A 423 9.10 -22.65 -5.78
N PHE A 424 9.75 -21.94 -4.85
CA PHE A 424 9.79 -22.33 -3.44
C PHE A 424 8.59 -21.71 -2.72
N ASP A 425 7.71 -22.57 -2.21
CA ASP A 425 6.51 -22.13 -1.50
C ASP A 425 6.81 -22.11 0.00
N ASN A 426 6.72 -20.93 0.60
CA ASN A 426 7.15 -20.71 1.98
C ASN A 426 6.03 -20.89 3.00
N LYS A 427 4.93 -21.55 2.62
CA LYS A 427 3.84 -21.73 3.56
C LYS A 427 4.29 -22.51 4.79
N VAL A 428 5.23 -23.44 4.60
CA VAL A 428 5.70 -24.23 5.74
C VAL A 428 6.33 -23.32 6.79
N VAL A 429 7.02 -22.26 6.34
CA VAL A 429 7.62 -21.38 7.32
C VAL A 429 6.54 -20.63 8.07
N CYS A 430 5.49 -20.21 7.36
CA CYS A 430 4.40 -19.54 8.03
C CYS A 430 3.77 -20.50 9.02
N ASP A 431 3.59 -21.75 8.59
CA ASP A 431 3.03 -22.75 9.48
C ASP A 431 3.87 -22.85 10.74
N LEU A 432 5.19 -22.99 10.56
CA LEU A 432 6.09 -23.15 11.69
C LEU A 432 5.84 -22.09 12.76
N ILE A 433 5.50 -20.87 12.33
CA ILE A 433 5.26 -19.81 13.31
C ILE A 433 3.81 -19.80 13.78
N GLU A 434 2.83 -19.87 12.88
CA GLU A 434 1.46 -19.53 13.22
C GLU A 434 0.57 -20.74 13.50
N GLN A 435 1.15 -21.88 13.86
CA GLN A 435 0.43 -23.13 13.98
C GLN A 435 -0.08 -23.33 15.40
N ILE A 436 -1.32 -23.83 15.54
CA ILE A 436 -1.85 -24.07 16.88
C ILE A 436 -1.85 -25.56 17.24
N ARG A 437 -2.64 -26.38 16.53
CA ARG A 437 -2.75 -27.78 16.92
C ARG A 437 -1.42 -28.52 16.88
N PRO A 438 -0.63 -28.46 15.81
CA PRO A 438 0.77 -28.89 15.96
C PRO A 438 1.42 -27.63 16.49
N VAL A 439 1.72 -27.60 17.79
CA VAL A 439 2.23 -26.38 18.42
C VAL A 439 3.33 -25.72 17.59
N GLY A 440 3.13 -24.45 17.26
CA GLY A 440 4.13 -23.64 16.60
C GLY A 440 4.83 -22.72 17.59
N ILE A 441 5.60 -21.77 17.04
CA ILE A 441 6.45 -20.92 17.88
C ILE A 441 5.58 -20.06 18.81
N PHE A 442 4.54 -19.42 18.25
CA PHE A 442 3.67 -18.58 19.07
C PHE A 442 2.90 -19.44 20.07
N SER A 443 2.33 -20.54 19.60
CA SER A 443 1.57 -21.43 20.48
C SER A 443 2.45 -21.98 21.60
N ALA A 444 3.66 -22.40 21.28
CA ALA A 444 4.59 -22.86 22.31
C ALA A 444 4.82 -21.79 23.36
N MET A 445 5.00 -20.54 22.92
CA MET A 445 5.18 -19.42 23.85
C MET A 445 3.97 -19.28 24.78
N LYS A 446 2.78 -19.34 24.18
CA LYS A 446 1.55 -19.25 24.97
C LYS A 446 1.46 -20.37 25.99
N ASP A 447 1.79 -21.60 25.58
CA ASP A 447 1.72 -22.74 26.49
C ASP A 447 2.72 -22.61 27.64
N ALA A 448 3.94 -22.17 27.36
CA ALA A 448 4.90 -21.89 28.42
C ALA A 448 4.33 -20.93 29.45
N THR A 449 3.61 -19.91 29.01
CA THR A 449 3.05 -18.97 29.98
C THR A 449 1.64 -19.34 30.42
N LYS A 450 1.06 -20.40 29.85
CA LYS A 450 -0.24 -20.90 30.26
C LYS A 450 -0.29 -21.18 31.76
N THR A 451 0.80 -21.72 32.31
CA THR A 451 0.89 -21.96 33.74
C THR A 451 0.72 -20.68 34.56
N ALA A 452 1.13 -19.54 33.99
CA ALA A 452 1.02 -18.22 34.64
C ALA A 452 1.82 -18.13 35.94
N HIS A 453 2.99 -18.78 35.95
CA HIS A 453 3.93 -18.67 37.04
C HIS A 453 4.62 -17.31 37.07
N ALA A 454 4.89 -16.81 38.29
CA ALA A 454 5.53 -15.51 38.45
C ALA A 454 6.84 -15.39 37.66
N ASP A 455 7.63 -16.47 37.59
CA ASP A 455 8.99 -16.38 37.04
C ASP A 455 8.98 -16.53 35.52
N PRO A 456 9.45 -15.54 34.77
CA PRO A 456 9.59 -15.72 33.31
C PRO A 456 10.65 -16.72 32.91
N ALA A 457 11.79 -16.75 33.61
CA ALA A 457 12.88 -17.67 33.27
C ALA A 457 12.40 -19.11 33.06
N ALA A 458 11.60 -19.62 34.00
CA ALA A 458 11.06 -20.96 33.86
C ALA A 458 10.18 -21.08 32.61
N CYS A 459 9.42 -20.02 32.29
CA CYS A 459 8.59 -20.06 31.09
C CYS A 459 9.46 -20.10 29.84
N ASP A 460 10.55 -19.33 29.84
CA ASP A 460 11.47 -19.34 28.70
C ASP A 460 12.06 -20.73 28.54
N ARG A 461 12.34 -21.40 29.66
CA ARG A 461 12.91 -22.74 29.59
C ARG A 461 11.89 -23.73 29.05
N THR A 462 10.65 -23.68 29.55
CA THR A 462 9.58 -24.52 29.01
C THR A 462 9.43 -24.31 27.50
N PHE A 463 9.57 -23.05 27.07
CA PHE A 463 9.43 -22.72 25.66
C PHE A 463 10.57 -23.35 24.88
N MET A 464 11.80 -23.21 25.40
CA MET A 464 12.98 -23.76 24.74
C MET A 464 12.87 -25.28 24.59
N GLN A 465 12.35 -25.96 25.63
CA GLN A 465 12.00 -27.37 25.50
C GLN A 465 11.07 -27.62 24.34
N SER A 466 9.91 -26.94 24.33
CA SER A 466 8.96 -27.13 23.22
C SER A 466 9.66 -26.98 21.88
N ILE A 467 10.58 -26.01 21.79
CA ILE A 467 11.28 -25.74 20.54
C ILE A 467 12.15 -26.93 20.17
N ASN A 468 12.92 -27.43 21.15
CA ASN A 468 13.76 -28.59 20.95
C ASN A 468 12.96 -29.78 20.45
N GLY A 469 11.79 -30.01 21.04
CA GLY A 469 10.96 -31.14 20.68
C GLY A 469 10.41 -31.09 19.27
N MET A 470 10.29 -29.90 18.68
CA MET A 470 9.78 -29.78 17.32
C MET A 470 10.86 -30.22 16.34
N SER A 471 10.45 -30.93 15.30
CA SER A 471 11.30 -31.29 14.18
C SER A 471 10.68 -30.70 12.92
N HIS A 472 11.32 -29.68 12.35
CA HIS A 472 10.80 -28.94 11.21
C HIS A 472 11.98 -28.42 10.41
N ALA A 473 11.92 -28.58 9.08
CA ALA A 473 13.07 -28.31 8.23
C ALA A 473 13.62 -26.91 8.41
N HIS A 474 12.78 -25.94 8.77
CA HIS A 474 13.17 -24.53 8.85
C HIS A 474 13.46 -24.06 10.26
N LEU A 475 13.59 -24.97 11.21
CA LEU A 475 13.77 -24.61 12.62
C LEU A 475 15.02 -25.32 13.12
N THR A 476 15.83 -24.61 13.91
CA THR A 476 17.10 -25.14 14.38
C THR A 476 17.34 -24.68 15.83
N PRO A 477 17.09 -25.56 16.80
CA PRO A 477 17.28 -25.18 18.21
C PRO A 477 18.76 -25.08 18.57
N ARG A 478 19.05 -24.13 19.47
CA ARG A 478 20.40 -23.88 19.99
C ARG A 478 20.30 -23.54 21.47
N GLN A 479 21.47 -23.26 22.07
CA GLN A 479 21.57 -23.06 23.51
C GLN A 479 20.97 -21.71 23.85
N GLY A 480 19.70 -21.73 24.25
CA GLY A 480 19.00 -20.51 24.59
C GLY A 480 18.78 -19.63 23.38
N ASN A 481 18.72 -20.23 22.19
CA ASN A 481 18.30 -19.45 21.03
C ASN A 481 17.79 -20.41 19.97
N PHE A 482 17.15 -19.86 18.95
CA PHE A 482 16.67 -20.72 17.88
C PHE A 482 16.74 -19.99 16.56
N ILE A 483 17.09 -20.71 15.50
CA ILE A 483 17.16 -20.14 14.16
C ILE A 483 15.92 -20.53 13.37
N ILE A 484 15.32 -19.53 12.72
CA ILE A 484 14.31 -19.77 11.70
C ILE A 484 14.91 -19.49 10.34
N LYS A 485 14.74 -20.44 9.43
CA LYS A 485 15.06 -20.33 8.01
C LYS A 485 13.90 -19.62 7.31
N HIS A 486 13.89 -18.29 7.38
CA HIS A 486 12.86 -17.45 6.79
C HIS A 486 13.08 -17.37 5.28
N TYR A 487 12.01 -17.06 4.55
CA TYR A 487 12.09 -16.91 3.10
C TYR A 487 13.32 -16.08 2.72
N ALA A 488 13.65 -15.08 3.55
CA ALA A 488 14.69 -14.11 3.24
C ALA A 488 16.01 -14.41 3.94
N GLY A 489 16.12 -15.52 4.65
CA GLY A 489 17.37 -15.90 5.31
C GLY A 489 17.25 -16.43 6.72
N ASP A 490 18.37 -16.79 7.33
CA ASP A 490 18.39 -17.28 8.70
C ASP A 490 18.33 -16.13 9.69
N VAL A 491 17.42 -16.22 10.66
CA VAL A 491 17.36 -15.26 11.75
C VAL A 491 17.51 -16.04 13.05
N THR A 492 18.50 -15.65 13.86
CA THR A 492 18.73 -16.19 15.19
C THR A 492 17.97 -15.38 16.22
N TYR A 493 16.93 -15.98 16.81
CA TYR A 493 16.14 -15.35 17.87
C TYR A 493 16.66 -15.77 19.23
N THR A 494 16.93 -14.78 20.08
CA THR A 494 17.26 -15.00 21.49
C THR A 494 16.02 -15.33 22.30
N VAL A 495 16.10 -16.41 23.10
CA VAL A 495 14.95 -16.90 23.83
C VAL A 495 14.71 -16.11 25.13
N GLU A 496 15.74 -15.49 25.68
CA GLU A 496 15.60 -14.81 26.96
C GLU A 496 14.61 -13.64 26.87
N GLY A 497 13.66 -13.63 27.79
CA GLY A 497 12.60 -12.64 27.83
C GLY A 497 11.54 -12.74 26.76
N ILE A 498 11.58 -13.77 25.90
CA ILE A 498 10.68 -13.81 24.75
C ILE A 498 9.24 -14.11 25.17
N THR A 499 9.05 -14.96 26.17
CA THR A 499 7.69 -15.39 26.48
C THR A 499 6.93 -14.32 27.24
N ASP A 500 7.62 -13.50 28.02
CA ASP A 500 6.94 -12.37 28.66
C ASP A 500 6.54 -11.34 27.62
N LYS A 501 7.43 -11.07 26.64
CA LYS A 501 7.04 -10.24 25.51
C LYS A 501 5.80 -10.78 24.81
N ASN A 502 5.71 -12.10 24.65
CA ASN A 502 4.54 -12.67 23.98
C ASN A 502 3.31 -12.54 24.87
N LYS A 503 3.47 -12.77 26.16
CA LYS A 503 2.42 -12.56 27.16
C LYS A 503 2.41 -11.08 27.52
N ASP A 504 1.71 -10.29 26.71
CA ASP A 504 1.80 -8.84 26.86
C ASP A 504 0.64 -8.43 27.76
N GLN A 505 0.82 -8.67 29.06
CA GLN A 505 -0.25 -8.51 30.02
C GLN A 505 0.22 -7.63 31.16
N LEU A 506 -0.55 -6.59 31.44
CA LEU A 506 -0.26 -5.66 32.52
C LEU A 506 -0.54 -6.31 33.88
N LEU A 507 0.33 -6.03 34.85
CA LEU A 507 0.23 -6.59 36.18
C LEU A 507 -0.99 -6.02 36.91
N LYS A 508 -1.47 -6.75 37.93
CA LYS A 508 -2.68 -6.34 38.65
C LYS A 508 -2.49 -5.00 39.37
N GLY A 509 -1.40 -4.84 40.13
CA GLY A 509 -1.23 -3.61 40.90
C GLY A 509 -1.02 -2.40 40.02
N LEU A 510 -0.39 -2.61 38.86
CA LEU A 510 -0.21 -1.50 37.94
C LEU A 510 -1.54 -1.09 37.35
N LEU A 511 -2.41 -2.06 37.06
CA LEU A 511 -3.74 -1.73 36.55
C LEU A 511 -4.55 -1.03 37.63
N ALA A 512 -4.39 -1.45 38.89
CA ALA A 512 -4.99 -0.78 40.03
C ALA A 512 -4.57 0.67 40.12
N LEU A 513 -3.42 1.03 39.53
CA LEU A 513 -2.95 2.40 39.70
C LEU A 513 -3.79 3.39 38.88
N PHE A 514 -4.18 3.02 37.66
CA PHE A 514 -4.88 3.95 36.78
C PHE A 514 -6.24 4.36 37.33
N GLN A 515 -6.84 3.50 38.16
CA GLN A 515 -8.13 3.81 38.76
C GLN A 515 -8.06 5.09 39.59
N HIS A 516 -6.96 5.28 40.31
CA HIS A 516 -6.76 6.44 41.18
C HIS A 516 -6.51 7.73 40.41
N SER A 517 -6.21 7.67 39.12
CA SER A 517 -5.82 8.86 38.40
C SER A 517 -6.96 9.88 38.32
N GLY A 518 -6.58 11.15 38.30
CA GLY A 518 -7.52 12.25 38.13
C GLY A 518 -7.66 12.72 36.71
N ASN A 519 -6.84 12.21 35.79
CA ASN A 519 -6.81 12.68 34.41
C ASN A 519 -7.80 11.89 33.55
N ASP A 520 -8.61 12.62 32.78
CA ASP A 520 -9.64 11.99 31.94
C ASP A 520 -9.05 11.21 30.78
N PHE A 521 -7.94 11.69 30.20
CA PHE A 521 -7.31 10.96 29.11
C PHE A 521 -6.68 9.66 29.61
N VAL A 522 -6.16 9.67 30.83
CA VAL A 522 -5.65 8.43 31.43
C VAL A 522 -6.77 7.41 31.55
N HIS A 523 -7.95 7.86 31.97
CA HIS A 523 -9.11 6.97 32.01
C HIS A 523 -9.58 6.59 30.62
N THR A 524 -9.31 7.43 29.63
CA THR A 524 -9.65 7.07 28.25
C THR A 524 -8.76 5.94 27.77
N LEU A 525 -7.47 5.99 28.09
CA LEU A 525 -6.49 5.01 27.66
C LEU A 525 -6.53 3.72 28.49
N PHE A 526 -7.18 3.74 29.65
CA PHE A 526 -7.20 2.60 30.58
C PHE A 526 -8.58 2.51 31.24
N PRO A 527 -9.58 2.05 30.50
CA PRO A 527 -10.90 1.83 31.12
C PRO A 527 -10.88 0.80 32.23
N ARG A 528 -11.51 1.17 33.36
CA ARG A 528 -11.58 0.28 34.51
C ARG A 528 -12.33 -1.03 34.22
N PRO A 529 -13.42 -1.04 33.44
CA PRO A 529 -14.26 -2.25 33.29
C PRO A 529 -13.57 -3.49 32.75
N VAL A 530 -12.37 -3.38 32.18
CA VAL A 530 -11.73 -4.56 31.58
C VAL A 530 -10.92 -5.33 32.60
N ASP A 531 -10.94 -4.90 33.87
CA ASP A 531 -10.20 -5.55 34.94
C ASP A 531 -11.09 -6.48 35.76
N THR A 532 -12.27 -6.82 35.24
CA THR A 532 -13.24 -7.61 35.99
C THR A 532 -12.72 -9.01 36.36
N ASP A 533 -12.12 -9.72 35.40
CA ASP A 533 -11.67 -11.11 35.64
C ASP A 533 -10.14 -11.19 35.64
N ASN A 534 -9.56 -11.21 36.84
CA ASN A 534 -8.12 -11.44 36.98
C ASN A 534 -7.74 -12.88 36.63
N ARG A 535 -8.62 -13.84 36.94
CA ARG A 535 -8.28 -15.26 36.82
C ARG A 535 -7.96 -15.66 35.38
N LYS A 536 -8.67 -15.10 34.40
CA LYS A 536 -8.53 -15.47 33.00
C LYS A 536 -7.10 -15.27 32.49
N GLN A 537 -6.64 -16.21 31.64
CA GLN A 537 -5.44 -16.06 30.80
C GLN A 537 -5.73 -15.37 29.47
N PRO A 538 -5.35 -14.09 29.36
CA PRO A 538 -5.72 -13.20 28.20
C PRO A 538 -4.95 -13.46 26.92
N PRO A 539 -5.43 -12.90 25.78
CA PRO A 539 -4.76 -13.10 24.48
C PRO A 539 -3.32 -12.60 24.44
N SER A 540 -2.49 -13.34 23.71
CA SER A 540 -1.08 -13.01 23.54
C SER A 540 -0.83 -12.16 22.28
N ALA A 541 0.33 -11.51 22.25
CA ALA A 541 0.69 -10.70 21.09
C ALA A 541 0.73 -11.54 19.83
N GLY A 542 1.19 -12.79 19.95
CA GLY A 542 1.25 -13.66 18.79
C GLY A 542 -0.13 -14.01 18.29
N ASP A 543 -1.09 -14.16 19.21
CA ASP A 543 -2.49 -14.30 18.83
C ASP A 543 -2.96 -13.09 18.02
N ARG A 544 -2.65 -11.89 18.53
CA ARG A 544 -3.09 -10.66 17.86
C ARG A 544 -2.48 -10.52 16.48
N ILE A 545 -1.18 -10.83 16.33
CA ILE A 545 -0.54 -10.68 15.03
C ILE A 545 -1.01 -11.76 14.09
N ARG A 546 -1.28 -12.98 14.59
CA ARG A 546 -1.87 -14.02 13.76
C ARG A 546 -3.21 -13.58 13.21
N ALA A 547 -4.04 -12.98 14.06
CA ALA A 547 -5.36 -12.53 13.64
C ALA A 547 -5.23 -11.38 12.62
N SER A 548 -4.41 -10.38 12.95
CA SER A 548 -4.16 -9.28 12.03
C SER A 548 -3.75 -9.79 10.65
N ALA A 549 -2.78 -10.71 10.61
CA ALA A 549 -2.21 -11.17 9.35
C ALA A 549 -3.23 -11.96 8.53
N ASN A 550 -4.05 -12.78 9.17
CA ASN A 550 -4.97 -13.58 8.36
C ASN A 550 -6.22 -12.79 7.96
N ALA A 551 -6.63 -11.83 8.80
CA ALA A 551 -7.54 -10.78 8.34
C ALA A 551 -7.00 -10.13 7.08
N LEU A 552 -5.75 -9.67 7.14
CA LEU A 552 -5.12 -8.99 6.01
C LEU A 552 -5.20 -9.86 4.76
N VAL A 553 -4.89 -11.14 4.89
CA VAL A 553 -4.91 -12.04 3.74
C VAL A 553 -6.31 -12.08 3.11
N ASP A 554 -7.35 -12.17 3.94
CA ASP A 554 -8.71 -12.18 3.41
C ASP A 554 -9.02 -10.89 2.66
N THR A 555 -8.71 -9.75 3.29
CA THR A 555 -8.88 -8.44 2.67
C THR A 555 -8.22 -8.43 1.29
N LEU A 556 -6.95 -8.82 1.23
CA LEU A 556 -6.20 -8.67 0.00
C LEU A 556 -6.74 -9.59 -1.08
N MET A 557 -7.28 -10.75 -0.68
CA MET A 557 -7.83 -11.64 -1.70
C MET A 557 -9.22 -11.20 -2.14
N LYS A 558 -9.71 -10.09 -1.59
CA LYS A 558 -11.01 -9.56 -1.99
C LYS A 558 -10.90 -8.37 -2.95
N CYS A 559 -9.69 -8.04 -3.40
CA CYS A 559 -9.41 -6.82 -4.15
C CYS A 559 -8.46 -7.16 -5.30
N GLN A 560 -8.35 -6.24 -6.27
CA GLN A 560 -7.47 -6.46 -7.40
C GLN A 560 -6.07 -5.97 -7.06
N PRO A 561 -5.09 -6.86 -6.99
CA PRO A 561 -3.74 -6.49 -6.56
C PRO A 561 -2.92 -5.77 -7.62
N SER A 562 -2.09 -4.84 -7.13
CA SER A 562 -0.93 -4.31 -7.85
C SER A 562 0.31 -4.52 -6.98
N TYR A 563 1.44 -4.81 -7.61
CA TYR A 563 2.61 -5.36 -6.95
C TYR A 563 3.81 -4.43 -7.06
N ILE A 564 4.42 -4.11 -5.92
CA ILE A 564 5.68 -3.37 -5.83
C ILE A 564 6.65 -4.17 -4.99
N ARG A 565 7.79 -4.55 -5.58
CA ARG A 565 8.90 -5.20 -4.92
C ARG A 565 10.05 -4.18 -4.80
N THR A 566 10.31 -3.69 -3.58
CA THR A 566 11.41 -2.78 -3.36
C THR A 566 12.67 -3.53 -2.95
N ILE A 567 13.82 -2.99 -3.35
CA ILE A 567 15.11 -3.62 -3.17
C ILE A 567 16.06 -2.62 -2.52
N LYS A 568 16.82 -3.09 -1.53
CA LYS A 568 17.75 -2.26 -0.78
C LYS A 568 19.15 -2.50 -1.33
N PRO A 569 19.76 -1.55 -2.04
CA PRO A 569 21.02 -1.85 -2.73
C PRO A 569 22.25 -1.85 -1.86
N ASN A 570 22.18 -1.30 -0.64
CA ASN A 570 23.33 -1.35 0.26
C ASN A 570 22.89 -0.98 1.67
N GLU A 571 23.74 -1.33 2.63
CA GLU A 571 23.50 -1.15 4.05
C GLU A 571 24.19 0.09 4.61
N ASN A 572 24.60 1.01 3.74
CA ASN A 572 25.22 2.26 4.16
C ASN A 572 24.42 3.49 3.76
N LYS A 573 23.27 3.30 3.11
CA LYS A 573 22.39 4.40 2.73
C LYS A 573 23.13 5.33 1.77
N SER A 574 23.96 4.72 0.91
CA SER A 574 24.79 5.40 -0.08
C SER A 574 24.07 5.46 -1.43
N PRO A 575 24.06 6.63 -2.07
CA PRO A 575 23.44 6.74 -3.39
C PRO A 575 24.26 6.13 -4.51
N THR A 576 25.51 5.74 -4.24
CA THR A 576 26.40 5.21 -5.27
C THR A 576 26.82 3.77 -5.05
N GLU A 577 26.63 3.22 -3.85
CA GLU A 577 27.07 1.88 -3.52
C GLU A 577 25.99 0.88 -3.90
N TYR A 578 26.34 -0.09 -4.74
CA TYR A 578 25.44 -1.15 -5.19
C TYR A 578 26.07 -2.49 -4.83
N ASN A 579 25.50 -3.15 -3.82
CA ASN A 579 26.08 -4.38 -3.28
C ASN A 579 25.51 -5.57 -4.07
N GLY A 580 26.24 -5.94 -5.13
CA GLY A 580 25.82 -7.00 -6.04
C GLY A 580 25.29 -8.23 -5.34
N PRO A 581 26.11 -8.86 -4.49
CA PRO A 581 25.64 -10.06 -3.78
C PRO A 581 24.36 -9.86 -2.97
N ASN A 582 24.18 -8.69 -2.33
CA ASN A 582 22.98 -8.50 -1.52
C ASN A 582 21.75 -8.37 -2.40
N VAL A 583 21.88 -7.66 -3.52
CA VAL A 583 20.76 -7.56 -4.44
C VAL A 583 20.48 -8.92 -5.06
N LEU A 584 21.53 -9.71 -5.32
CA LEU A 584 21.33 -11.03 -5.90
C LEU A 584 20.56 -11.93 -4.94
N HIS A 585 20.95 -11.93 -3.66
CA HIS A 585 20.22 -12.67 -2.65
C HIS A 585 18.75 -12.26 -2.66
N GLN A 586 18.49 -10.95 -2.71
CA GLN A 586 17.12 -10.45 -2.73
C GLN A 586 16.36 -10.93 -3.96
N ILE A 587 16.95 -10.75 -5.15
CA ILE A 587 16.39 -11.24 -6.40
C ILE A 587 16.03 -12.71 -6.30
N LYS A 588 16.89 -13.50 -5.64
CA LYS A 588 16.69 -14.93 -5.58
C LYS A 588 15.50 -15.26 -4.68
N TYR A 589 15.52 -14.76 -3.44
CA TYR A 589 14.48 -15.19 -2.51
C TYR A 589 13.13 -14.55 -2.82
N LEU A 590 13.11 -13.49 -3.64
CA LEU A 590 11.85 -12.93 -4.10
C LEU A 590 11.32 -13.66 -5.33
N GLY A 591 12.14 -14.49 -5.96
CA GLY A 591 11.70 -15.24 -7.13
C GLY A 591 11.46 -14.35 -8.34
N LEU A 592 12.33 -13.37 -8.56
CA LEU A 592 12.16 -12.45 -9.69
C LEU A 592 12.37 -13.17 -11.02
N GLN A 593 13.28 -14.14 -11.06
CA GLN A 593 13.43 -14.95 -12.27
C GLN A 593 12.14 -15.68 -12.60
N GLU A 594 11.49 -16.27 -11.59
CA GLU A 594 10.25 -16.99 -11.82
C GLU A 594 9.17 -16.05 -12.34
N ASN A 595 9.09 -14.85 -11.76
CA ASN A 595 8.15 -13.86 -12.26
C ASN A 595 8.44 -13.56 -13.72
N VAL A 596 9.72 -13.45 -14.07
CA VAL A 596 10.09 -13.10 -15.44
C VAL A 596 9.61 -14.19 -16.38
N ARG A 597 9.88 -15.45 -16.02
CA ARG A 597 9.55 -16.58 -16.88
C ARG A 597 8.04 -16.70 -17.06
N ILE A 598 7.28 -16.60 -15.97
CA ILE A 598 5.83 -16.68 -16.09
C ILE A 598 5.32 -15.55 -16.95
N ARG A 599 5.79 -14.32 -16.68
CA ARG A 599 5.26 -13.16 -17.38
C ARG A 599 5.55 -13.25 -18.87
N ARG A 600 6.71 -13.79 -19.25
CA ARG A 600 6.99 -13.95 -20.67
C ARG A 600 6.08 -15.01 -21.29
N ALA A 601 6.03 -16.20 -20.68
CA ALA A 601 5.20 -17.25 -21.27
C ALA A 601 3.72 -17.03 -20.98
N GLY A 602 3.40 -16.35 -19.88
CA GLY A 602 2.02 -16.19 -19.47
C GLY A 602 1.22 -15.28 -20.39
N PHE A 603 -0.09 -15.31 -20.19
CA PHE A 603 -0.98 -14.30 -20.75
C PHE A 603 -1.00 -13.05 -19.87
N ALA A 604 -1.06 -11.88 -20.53
CA ALA A 604 -1.02 -10.60 -19.84
C ALA A 604 -2.32 -10.26 -19.13
N TYR A 605 -3.45 -10.78 -19.62
CA TYR A 605 -4.76 -10.37 -19.10
C TYR A 605 -5.72 -11.55 -19.15
N ARG A 606 -6.49 -11.71 -18.08
CA ARG A 606 -7.44 -12.80 -17.94
C ARG A 606 -8.73 -12.21 -17.40
N GLN A 607 -9.86 -12.54 -18.03
CA GLN A 607 -11.10 -11.97 -17.55
C GLN A 607 -12.24 -12.97 -17.65
N ASP A 608 -13.14 -12.94 -16.67
CA ASP A 608 -14.36 -13.73 -16.73
C ASP A 608 -15.25 -13.27 -17.88
N PHE A 609 -15.93 -14.24 -18.51
CA PHE A 609 -16.81 -13.94 -19.64
C PHE A 609 -17.82 -12.85 -19.31
N ASP A 610 -18.46 -12.97 -18.14
CA ASP A 610 -19.42 -11.97 -17.66
C ASP A 610 -18.83 -10.58 -17.69
N LYS A 611 -17.76 -10.36 -16.90
CA LYS A 611 -17.17 -9.04 -16.77
C LYS A 611 -16.57 -8.56 -18.08
N PHE A 612 -16.10 -9.50 -18.91
CA PHE A 612 -15.53 -9.14 -20.19
C PHE A 612 -16.58 -8.55 -21.11
N VAL A 613 -17.71 -9.25 -21.25
CA VAL A 613 -18.85 -8.70 -21.98
C VAL A 613 -19.29 -7.36 -21.40
N ASP A 614 -19.46 -7.31 -20.07
CA ASP A 614 -19.93 -6.09 -19.40
C ASP A 614 -19.02 -4.91 -19.68
N ARG A 615 -17.73 -5.15 -19.88
CA ARG A 615 -16.76 -4.08 -20.05
C ARG A 615 -16.49 -3.74 -21.51
N PHE A 616 -16.60 -4.72 -22.42
CA PHE A 616 -16.17 -4.55 -23.80
C PHE A 616 -17.29 -4.75 -24.81
N PHE A 617 -18.56 -4.73 -24.39
CA PHE A 617 -19.64 -4.97 -25.34
C PHE A 617 -19.74 -3.87 -26.39
N LEU A 618 -19.37 -2.65 -26.05
CA LEU A 618 -19.44 -1.51 -26.96
C LEU A 618 -18.57 -1.69 -28.21
N LEU A 619 -17.58 -2.58 -28.17
CA LEU A 619 -16.67 -2.70 -29.31
C LEU A 619 -17.31 -3.39 -30.51
N SER A 620 -18.34 -4.22 -30.29
CA SER A 620 -18.94 -4.96 -31.39
C SER A 620 -20.24 -4.31 -31.84
N PRO A 621 -20.46 -4.14 -33.14
CA PRO A 621 -21.78 -3.72 -33.62
C PRO A 621 -22.86 -4.77 -33.39
N ALA A 622 -22.51 -6.05 -33.43
CA ALA A 622 -23.45 -7.11 -33.07
C ALA A 622 -23.96 -6.96 -31.64
N THR A 623 -23.05 -6.73 -30.69
CA THR A 623 -23.41 -6.80 -29.27
C THR A 623 -23.91 -5.47 -28.74
N SER A 624 -23.64 -4.39 -29.45
CA SER A 624 -23.96 -3.04 -29.02
C SER A 624 -24.76 -2.34 -30.10
N TYR A 625 -25.95 -1.85 -29.74
CA TYR A 625 -26.67 -0.91 -30.59
C TYR A 625 -26.96 0.34 -29.78
N ALA A 626 -26.37 1.46 -30.20
CA ALA A 626 -26.57 2.77 -29.58
C ALA A 626 -26.19 2.77 -28.10
N GLY A 627 -24.98 2.30 -27.81
CA GLY A 627 -24.47 2.25 -26.45
C GLY A 627 -25.29 1.42 -25.48
N GLU A 628 -26.14 0.53 -25.99
CA GLU A 628 -26.95 -0.36 -25.17
C GLU A 628 -26.60 -1.80 -25.51
N PHE A 629 -26.49 -2.64 -24.47
CA PHE A 629 -26.21 -4.05 -24.69
C PHE A 629 -27.41 -4.73 -25.32
N THR A 630 -27.16 -5.60 -26.30
CA THR A 630 -28.21 -6.41 -26.94
C THR A 630 -27.55 -7.65 -27.55
N TRP A 631 -27.72 -8.79 -26.89
CA TRP A 631 -27.15 -10.02 -27.39
C TRP A 631 -28.13 -11.16 -27.21
N GLU A 632 -28.39 -11.90 -28.28
CA GLU A 632 -29.37 -12.97 -28.29
C GLU A 632 -28.77 -14.32 -27.92
N GLY A 633 -27.45 -14.45 -27.99
CA GLY A 633 -26.76 -15.72 -27.76
C GLY A 633 -26.18 -15.83 -26.37
N THR A 634 -25.21 -16.73 -26.24
CA THR A 634 -24.49 -16.95 -24.99
C THR A 634 -23.38 -15.93 -24.80
N THR A 635 -22.96 -15.77 -23.54
CA THR A 635 -21.89 -14.84 -23.20
C THR A 635 -20.59 -15.21 -23.90
N GLU A 636 -20.26 -16.50 -23.93
CA GLU A 636 -19.06 -16.97 -24.60
C GLU A 636 -19.04 -16.57 -26.07
N ALA A 637 -20.18 -16.74 -26.75
CA ALA A 637 -20.25 -16.37 -28.16
C ALA A 637 -20.22 -14.86 -28.34
N ALA A 638 -20.69 -14.12 -27.33
CA ALA A 638 -20.55 -12.67 -27.36
C ALA A 638 -19.09 -12.25 -27.26
N VAL A 639 -18.33 -12.88 -26.37
CA VAL A 639 -16.89 -12.66 -26.29
C VAL A 639 -16.23 -12.94 -27.63
N LYS A 640 -16.53 -14.09 -28.23
CA LYS A 640 -15.94 -14.44 -29.53
C LYS A 640 -16.33 -13.42 -30.60
N GLN A 641 -17.58 -12.93 -30.56
CA GLN A 641 -18.03 -11.93 -31.51
C GLN A 641 -17.27 -10.62 -31.35
N ILE A 642 -17.20 -10.11 -30.12
CA ILE A 642 -16.47 -8.88 -29.84
C ILE A 642 -15.03 -8.98 -30.30
N LEU A 643 -14.37 -10.11 -30.02
CA LEU A 643 -12.98 -10.28 -30.41
C LEU A 643 -12.83 -10.33 -31.93
N LYS A 644 -13.71 -11.06 -32.62
CA LYS A 644 -13.70 -11.04 -34.09
C LYS A 644 -13.89 -9.61 -34.62
N ASP A 645 -14.83 -8.86 -34.04
CA ASP A 645 -15.21 -7.57 -34.59
C ASP A 645 -14.14 -6.51 -34.34
N THR A 646 -13.36 -6.65 -33.27
CA THR A 646 -12.21 -5.77 -33.09
C THR A 646 -11.11 -6.06 -34.10
N SER A 647 -11.16 -7.24 -34.75
CA SER A 647 -10.17 -7.67 -35.73
C SER A 647 -8.74 -7.66 -35.17
N ILE A 648 -8.61 -8.08 -33.91
CA ILE A 648 -7.30 -8.46 -33.40
C ILE A 648 -6.97 -9.88 -33.88
N PRO A 649 -5.74 -10.11 -34.37
CA PRO A 649 -5.31 -11.47 -34.73
C PRO A 649 -5.66 -12.58 -33.74
N LYS A 650 -6.07 -13.74 -34.27
CA LYS A 650 -6.43 -14.89 -33.44
C LYS A 650 -5.29 -15.37 -32.54
N GLU A 651 -4.05 -15.02 -32.86
CA GLU A 651 -2.91 -15.48 -32.06
C GLU A 651 -2.79 -14.72 -30.76
N GLU A 652 -3.32 -13.49 -30.71
CA GLU A 652 -3.27 -12.63 -29.54
C GLU A 652 -4.24 -13.03 -28.43
N TRP A 653 -5.15 -13.97 -28.65
CA TRP A 653 -6.16 -14.26 -27.66
C TRP A 653 -6.50 -15.75 -27.66
N GLN A 654 -7.08 -16.20 -26.56
CA GLN A 654 -7.40 -17.60 -26.33
C GLN A 654 -8.67 -17.70 -25.49
N MET A 655 -9.48 -18.71 -25.79
CA MET A 655 -10.74 -18.98 -25.10
C MET A 655 -10.57 -20.18 -24.18
N GLY A 656 -10.87 -20.00 -22.90
CA GLY A 656 -10.78 -21.08 -21.93
C GLY A 656 -12.10 -21.81 -21.78
N VAL A 657 -12.29 -22.41 -20.60
CA VAL A 657 -13.56 -23.08 -20.31
C VAL A 657 -14.56 -22.12 -19.67
N THR A 658 -14.07 -21.15 -18.90
CA THR A 658 -14.89 -20.20 -18.15
C THR A 658 -14.39 -18.77 -18.29
N LYS A 659 -13.13 -18.58 -18.65
CA LYS A 659 -12.49 -17.28 -18.68
C LYS A 659 -11.89 -17.05 -20.06
N ALA A 660 -11.55 -15.80 -20.36
CA ALA A 660 -11.01 -15.41 -21.66
C ALA A 660 -9.66 -14.73 -21.45
N PHE A 661 -8.66 -15.13 -22.25
CA PHE A 661 -7.27 -14.78 -22.00
C PHE A 661 -6.71 -13.98 -23.18
N ILE A 662 -6.07 -12.85 -22.88
CA ILE A 662 -5.39 -12.02 -23.87
C ILE A 662 -3.90 -12.02 -23.56
N LYS A 663 -3.09 -12.44 -24.53
CA LYS A 663 -1.67 -12.73 -24.27
C LYS A 663 -0.85 -11.47 -24.10
N ALA A 664 -0.90 -10.56 -25.07
CA ALA A 664 0.05 -9.45 -25.01
C ALA A 664 -0.57 -8.22 -24.37
N PRO A 665 0.21 -7.51 -23.53
CA PRO A 665 -0.30 -6.27 -22.91
C PRO A 665 -0.75 -5.22 -23.91
N GLU A 666 -0.05 -5.11 -25.05
CA GLU A 666 -0.42 -4.13 -26.07
C GLU A 666 -1.86 -4.33 -26.55
N THR A 667 -2.23 -5.58 -26.85
CA THR A 667 -3.59 -5.92 -27.23
C THR A 667 -4.60 -5.43 -26.19
N LEU A 668 -4.31 -5.67 -24.90
CA LEU A 668 -5.22 -5.26 -23.83
C LEU A 668 -5.34 -3.74 -23.77
N PHE A 669 -4.21 -3.03 -23.85
CA PHE A 669 -4.26 -1.57 -23.80
C PHE A 669 -5.01 -1.03 -25.01
N ALA A 670 -4.89 -1.69 -26.16
CA ALA A 670 -5.64 -1.30 -27.35
C ALA A 670 -7.13 -1.46 -27.14
N LEU A 671 -7.57 -2.64 -26.69
CA LEU A 671 -8.97 -2.86 -26.39
C LEU A 671 -9.49 -1.84 -25.37
N GLU A 672 -8.71 -1.58 -24.32
CA GLU A 672 -9.15 -0.63 -23.29
C GLU A 672 -9.31 0.77 -23.86
N HIS A 673 -8.43 1.14 -24.80
CA HIS A 673 -8.48 2.50 -25.34
C HIS A 673 -9.61 2.63 -26.37
N MET A 674 -9.80 1.60 -27.20
CA MET A 674 -10.99 1.52 -28.04
C MET A 674 -12.26 1.64 -27.23
N ARG A 675 -12.31 0.96 -26.08
CA ARG A 675 -13.44 1.12 -25.15
C ARG A 675 -13.58 2.56 -24.68
N ASP A 676 -12.47 3.20 -24.32
CA ASP A 676 -12.55 4.55 -23.77
C ASP A 676 -12.99 5.58 -24.81
N ARG A 677 -12.68 5.34 -26.08
CA ARG A 677 -12.92 6.31 -27.15
C ARG A 677 -14.24 6.05 -27.86
N TYR A 678 -15.13 5.24 -27.28
CA TYR A 678 -16.38 4.87 -27.96
C TYR A 678 -17.28 6.09 -28.15
N TRP A 679 -17.57 6.81 -27.07
CA TRP A 679 -18.31 8.06 -27.20
C TRP A 679 -17.56 9.04 -28.09
N HIS A 680 -16.23 9.07 -27.94
CA HIS A 680 -15.38 9.86 -28.82
C HIS A 680 -15.56 9.47 -30.28
N ASN A 681 -15.73 8.17 -30.57
CA ASN A 681 -15.81 7.77 -31.96
C ASN A 681 -17.21 7.93 -32.53
N MET A 682 -18.23 7.91 -31.69
CA MET A 682 -19.58 8.26 -32.17
C MET A 682 -19.65 9.75 -32.47
N ALA A 683 -19.18 10.60 -31.54
CA ALA A 683 -19.03 12.02 -31.83
C ALA A 683 -18.16 12.28 -33.04
N THR A 684 -17.14 11.44 -33.26
CA THR A 684 -16.31 11.55 -34.45
C THR A 684 -17.09 11.14 -35.70
N ARG A 685 -18.07 10.27 -35.52
CA ARG A 685 -18.89 9.79 -36.62
C ARG A 685 -19.94 10.81 -37.05
N ILE A 686 -20.19 11.84 -36.23
CA ILE A 686 -21.13 12.89 -36.59
C ILE A 686 -20.39 14.07 -37.24
N GLN A 687 -19.13 13.87 -37.62
CA GLN A 687 -18.32 14.95 -38.19
C GLN A 687 -18.14 14.75 -39.68
N ARG A 688 -19.23 14.88 -40.43
CA ARG A 688 -19.15 15.04 -41.88
C ARG A 688 -19.80 16.36 -42.30
N MET A 689 -19.41 17.46 -41.65
CA MET A 689 -20.04 18.75 -41.92
C MET A 689 -19.64 19.30 -43.29
N TRP A 690 -18.37 19.18 -43.65
CA TRP A 690 -17.89 19.63 -44.96
C TRP A 690 -18.40 18.68 -46.03
N ARG A 691 -19.45 19.10 -46.74
CA ARG A 691 -20.06 18.23 -47.75
C ARG A 691 -19.08 17.92 -48.89
N ALA A 692 -18.48 18.94 -49.48
CA ALA A 692 -17.52 18.72 -50.57
C ALA A 692 -16.34 19.69 -50.47
N VAL B 9 -9.69 -4.98 -41.54
CA VAL B 9 -8.40 -5.47 -42.00
C VAL B 9 -8.21 -5.10 -43.48
N SER B 10 -9.23 -5.40 -44.28
CA SER B 10 -9.26 -4.97 -45.68
C SER B 10 -9.14 -3.46 -45.80
N GLU B 11 -9.97 -2.71 -45.06
CA GLU B 11 -10.03 -1.26 -45.19
C GLU B 11 -8.66 -0.63 -44.95
N PHE B 12 -7.91 -1.15 -43.98
CA PHE B 12 -6.58 -0.63 -43.70
C PHE B 12 -5.63 -0.92 -44.86
N LYS B 13 -5.69 -2.13 -45.42
CA LYS B 13 -4.77 -2.47 -46.50
C LYS B 13 -5.11 -1.73 -47.79
N GLU B 14 -6.40 -1.44 -48.05
CA GLU B 14 -6.74 -0.70 -49.25
C GLU B 14 -6.40 0.78 -49.12
N ALA B 15 -6.52 1.35 -47.92
CA ALA B 15 -6.10 2.74 -47.74
C ALA B 15 -4.61 2.85 -47.45
N PHE B 16 -3.92 1.72 -47.24
CA PHE B 16 -2.48 1.64 -47.15
C PHE B 16 -1.83 1.47 -48.52
N SER B 17 -2.51 0.73 -49.40
CA SER B 17 -2.04 0.59 -50.79
C SER B 17 -2.15 1.91 -51.54
N LEU B 18 -3.33 2.55 -51.46
CA LEU B 18 -3.58 3.82 -52.14
C LEU B 18 -2.48 4.84 -51.94
N PHE B 19 -1.96 4.98 -50.72
CA PHE B 19 -0.99 6.02 -50.42
C PHE B 19 0.36 5.46 -49.99
N GLY B 23 5.13 1.13 -53.32
CA GLY B 23 4.57 -0.21 -53.31
C GLY B 23 5.45 -1.27 -52.71
N ASP B 24 6.21 -0.90 -51.67
CA ASP B 24 6.99 -1.88 -50.92
C ASP B 24 6.15 -2.56 -49.86
N GLY B 25 5.26 -1.82 -49.20
CA GLY B 25 4.60 -2.28 -48.00
C GLY B 25 5.28 -1.85 -46.73
N GLN B 26 6.38 -1.11 -46.82
CA GLN B 26 6.98 -0.37 -45.72
C GLN B 26 6.78 1.11 -46.02
N ILE B 27 6.10 1.82 -45.13
CA ILE B 27 5.61 3.16 -45.45
C ILE B 27 6.22 4.17 -44.49
N THR B 28 6.33 5.42 -44.94
CA THR B 28 6.96 6.48 -44.17
C THR B 28 5.93 7.27 -43.36
N THR B 29 6.45 8.14 -42.48
CA THR B 29 5.61 8.87 -41.55
C THR B 29 4.81 9.97 -42.25
N LYS B 30 5.39 10.60 -43.27
CA LYS B 30 4.68 11.60 -44.05
C LYS B 30 3.48 10.98 -44.77
N GLU B 31 3.72 9.84 -45.44
CA GLU B 31 2.64 9.13 -46.10
C GLU B 31 1.53 8.75 -45.12
N LEU B 32 1.90 8.37 -43.90
CA LEU B 32 0.90 8.08 -42.87
C LEU B 32 0.11 9.34 -42.52
N GLY B 33 0.79 10.47 -42.36
CA GLY B 33 0.09 11.73 -42.14
C GLY B 33 -0.92 12.03 -43.25
N THR B 34 -0.54 11.76 -44.49
CA THR B 34 -1.47 11.95 -45.61
C THR B 34 -2.65 11.00 -45.52
N VAL B 35 -2.40 9.73 -45.18
CA VAL B 35 -3.48 8.77 -44.98
C VAL B 35 -4.47 9.27 -43.94
N MET B 36 -3.96 9.68 -42.78
CA MET B 36 -4.80 10.24 -41.71
C MET B 36 -5.62 11.43 -42.21
N ARG B 37 -4.98 12.36 -42.91
CA ARG B 37 -5.71 13.49 -43.48
C ARG B 37 -6.80 13.04 -44.44
N SER B 38 -6.46 12.09 -45.33
CA SER B 38 -7.42 11.51 -46.26
C SER B 38 -8.67 10.98 -45.56
N LEU B 39 -8.47 10.23 -44.46
CA LEU B 39 -9.60 9.66 -43.74
C LEU B 39 -10.56 10.74 -43.27
N GLY B 40 -10.06 11.75 -42.57
CA GLY B 40 -10.92 12.80 -42.04
C GLY B 40 -10.43 13.37 -40.72
N GLU B 45 -2.30 15.20 -34.48
CA GLU B 45 -1.09 15.60 -35.19
C GLU B 45 0.13 15.05 -34.46
N SER B 46 0.38 15.61 -33.27
CA SER B 46 1.46 15.11 -32.43
C SER B 46 1.21 13.67 -31.99
N GLU B 47 -0.04 13.36 -31.66
CA GLU B 47 -0.42 12.01 -31.25
C GLU B 47 -0.14 11.00 -32.36
N LEU B 48 -0.34 11.39 -33.61
CA LEU B 48 -0.01 10.51 -34.73
C LEU B 48 1.46 10.12 -34.71
N GLN B 49 2.34 11.10 -34.56
CA GLN B 49 3.78 10.81 -34.47
C GLN B 49 4.10 9.99 -33.22
N ASP B 50 3.35 10.21 -32.13
CA ASP B 50 3.50 9.39 -30.94
C ASP B 50 3.20 7.93 -31.23
N MET B 51 2.09 7.67 -31.94
CA MET B 51 1.79 6.33 -32.40
C MET B 51 2.90 5.77 -33.29
N ILE B 52 3.41 6.60 -34.20
CA ILE B 52 4.48 6.15 -35.11
C ILE B 52 5.74 5.74 -34.35
N ASN B 53 6.05 6.41 -33.23
CA ASN B 53 7.36 6.30 -32.61
C ASN B 53 7.54 5.09 -31.69
N GLU B 54 6.62 4.13 -31.65
CA GLU B 54 6.74 3.04 -30.68
C GLU B 54 7.30 1.76 -31.27
N VAL B 55 7.83 1.80 -32.50
CA VAL B 55 8.63 0.72 -33.06
C VAL B 55 9.74 1.37 -33.88
N ASP B 56 10.99 1.22 -33.43
CA ASP B 56 12.13 1.79 -34.11
C ASP B 56 13.16 0.76 -34.54
N ALA B 57 13.05 -0.47 -34.03
CA ALA B 57 14.00 -1.52 -34.38
C ALA B 57 13.95 -1.85 -35.87
N ASP B 58 12.75 -1.91 -36.44
CA ASP B 58 12.62 -2.29 -37.84
C ASP B 58 13.19 -1.23 -38.76
N ASN B 59 12.76 0.03 -38.60
CA ASN B 59 13.30 1.13 -39.39
C ASN B 59 12.97 2.45 -38.70
N ASN B 60 13.88 3.41 -38.82
CA ASN B 60 13.80 4.66 -38.08
C ASN B 60 12.64 5.53 -38.56
N GLY B 61 12.44 5.64 -39.87
CA GLY B 61 11.44 6.56 -40.38
C GLY B 61 10.29 5.92 -41.12
N THR B 62 10.20 4.59 -41.07
CA THR B 62 9.15 3.84 -41.75
C THR B 62 8.64 2.74 -40.84
N ILE B 63 7.45 2.25 -41.17
CA ILE B 63 6.73 1.22 -40.42
C ILE B 63 6.19 0.20 -41.41
N ASP B 64 5.43 -0.76 -40.89
CA ASP B 64 4.99 -1.93 -41.65
C ASP B 64 3.47 -2.02 -41.57
N PHE B 65 2.89 -2.98 -42.30
CA PHE B 65 1.44 -3.19 -42.26
C PHE B 65 0.90 -3.92 -41.03
N PRO B 66 1.61 -4.89 -40.44
CA PRO B 66 1.17 -5.35 -39.12
C PRO B 66 1.33 -4.28 -38.06
N GLU B 67 2.45 -3.55 -38.08
CA GLU B 67 2.60 -2.37 -37.25
C GLU B 67 1.50 -1.35 -37.52
N PHE B 68 1.00 -1.30 -38.76
CA PHE B 68 -0.07 -0.34 -39.06
C PHE B 68 -1.38 -0.77 -38.42
N LEU B 69 -1.72 -2.05 -38.52
CA LEU B 69 -2.83 -2.59 -37.75
C LEU B 69 -2.68 -2.28 -36.27
N THR B 70 -1.47 -2.49 -35.73
CA THR B 70 -1.21 -2.27 -34.31
C THR B 70 -1.47 -0.82 -33.93
N MET B 71 -0.92 0.13 -34.69
CA MET B 71 -0.99 1.52 -34.27
C MET B 71 -2.35 2.12 -34.58
N MET B 72 -3.11 1.52 -35.50
CA MET B 72 -4.43 2.03 -35.79
C MET B 72 -5.41 1.56 -34.73
N ALA B 73 -5.32 0.28 -34.34
CA ALA B 73 -6.16 -0.20 -33.25
C ALA B 73 -5.81 0.49 -31.94
N ARG B 74 -4.51 0.67 -31.67
CA ARG B 74 -4.08 1.47 -30.53
C ARG B 74 -4.63 2.89 -30.56
N LYS B 75 -4.82 3.48 -31.74
CA LYS B 75 -5.64 4.69 -31.81
C LYS B 75 -7.14 4.38 -31.73
N MET B 76 -7.64 3.54 -32.63
CA MET B 76 -9.08 3.36 -32.87
C MET B 76 -9.92 3.20 -31.60
N SER B 81 -21.42 5.07 -43.33
CA SER B 81 -22.75 4.86 -43.88
C SER B 81 -23.80 5.66 -43.11
N GLU B 82 -25.05 5.55 -43.55
CA GLU B 82 -26.13 6.39 -43.02
C GLU B 82 -26.55 5.94 -41.62
N GLU B 83 -26.84 4.64 -41.47
CA GLU B 83 -27.39 4.11 -40.23
C GLU B 83 -26.48 4.39 -39.04
N GLU B 84 -25.17 4.37 -39.26
CA GLU B 84 -24.23 4.55 -38.16
C GLU B 84 -24.29 5.97 -37.60
N ILE B 85 -24.30 6.95 -38.50
CA ILE B 85 -24.51 8.34 -38.14
C ILE B 85 -25.87 8.52 -37.47
N ARG B 86 -26.87 7.76 -37.90
CA ARG B 86 -28.16 7.75 -37.20
C ARG B 86 -28.00 7.28 -35.75
N GLU B 87 -27.42 6.08 -35.57
CA GLU B 87 -27.11 5.50 -34.27
C GLU B 87 -26.49 6.48 -33.28
N ALA B 88 -25.43 7.18 -33.70
CA ALA B 88 -24.68 8.06 -32.79
C ALA B 88 -25.57 9.05 -32.04
N PHE B 89 -26.61 9.57 -32.71
CA PHE B 89 -27.52 10.49 -32.05
C PHE B 89 -28.28 9.80 -30.94
N LYS B 90 -28.73 8.56 -31.19
CA LYS B 90 -29.40 7.77 -30.16
C LYS B 90 -28.44 7.49 -29.01
N VAL B 91 -27.16 7.30 -29.31
CA VAL B 91 -26.16 7.08 -28.26
C VAL B 91 -26.16 8.26 -27.31
N PHE B 92 -26.21 9.48 -27.85
CA PHE B 92 -26.05 10.65 -26.99
C PHE B 92 -27.32 10.96 -26.19
N ASP B 93 -28.49 10.66 -26.73
CA ASP B 93 -29.79 11.06 -26.18
C ASP B 93 -30.06 10.39 -24.84
N ARG B 94 -29.89 11.15 -23.74
CA ARG B 94 -30.12 10.58 -22.41
C ARG B 94 -31.60 10.36 -22.13
N ASP B 95 -32.46 11.20 -22.70
CA ASP B 95 -33.90 11.05 -22.55
C ASP B 95 -34.38 9.73 -23.12
N ASN B 96 -33.80 9.30 -24.24
CA ASN B 96 -34.25 8.14 -25.02
C ASN B 96 -35.64 8.35 -25.60
N ASN B 97 -35.81 9.48 -26.29
CA ASN B 97 -37.11 9.83 -26.85
C ASN B 97 -37.02 10.54 -28.20
N GLY B 98 -35.85 10.53 -28.85
CA GLY B 98 -35.68 11.22 -30.11
C GLY B 98 -35.31 12.68 -30.02
N PHE B 99 -35.21 13.24 -28.82
CA PHE B 99 -34.99 14.67 -28.63
C PHE B 99 -33.84 14.91 -27.66
N ILE B 100 -32.87 15.74 -28.07
CA ILE B 100 -31.76 16.12 -27.21
C ILE B 100 -31.77 17.62 -26.93
N SER B 101 -31.33 18.00 -25.73
CA SER B 101 -30.91 19.36 -25.42
C SER B 101 -29.82 19.87 -26.37
N ALA B 102 -30.11 20.96 -27.08
CA ALA B 102 -29.17 21.54 -28.03
C ALA B 102 -27.85 21.96 -27.40
N ALA B 103 -27.86 22.39 -26.13
CA ALA B 103 -26.60 22.78 -25.50
C ALA B 103 -25.80 21.57 -25.02
N GLU B 104 -26.49 20.45 -24.78
CA GLU B 104 -25.81 19.19 -24.53
C GLU B 104 -25.25 18.61 -25.83
N LEU B 105 -25.69 19.11 -26.99
CA LEU B 105 -25.10 18.77 -28.27
C LEU B 105 -23.89 19.67 -28.56
N ARG B 106 -24.05 20.97 -28.31
CA ARG B 106 -22.94 21.91 -28.27
C ARG B 106 -21.76 21.37 -27.46
N HIS B 107 -22.03 20.89 -26.24
CA HIS B 107 -20.95 20.48 -25.35
C HIS B 107 -20.16 19.32 -25.95
N VAL B 108 -20.85 18.35 -26.57
CA VAL B 108 -20.16 17.20 -27.14
C VAL B 108 -19.52 17.52 -28.48
N MET B 109 -19.96 18.60 -29.16
CA MET B 109 -19.21 19.07 -30.32
C MET B 109 -17.98 19.85 -29.90
N THR B 110 -18.04 20.51 -28.74
CA THR B 110 -16.87 21.18 -28.16
C THR B 110 -15.82 20.17 -27.72
N SER B 111 -16.19 19.27 -26.80
CA SER B 111 -15.25 18.37 -26.14
C SER B 111 -14.42 17.55 -27.13
N ILE B 112 -15.08 16.94 -28.12
CA ILE B 112 -14.34 16.19 -29.14
C ILE B 112 -13.82 17.10 -30.24
N GLY B 113 -14.31 18.34 -30.31
CA GLY B 113 -13.70 19.42 -31.07
C GLY B 113 -13.65 19.31 -32.58
N GLU B 114 -14.15 18.21 -33.14
CA GLU B 114 -13.94 17.95 -34.56
C GLU B 114 -15.06 18.54 -35.42
N THR B 117 -14.29 24.72 -33.86
CA THR B 117 -14.76 26.03 -34.29
C THR B 117 -16.11 26.36 -33.67
N ASP B 118 -16.16 27.42 -32.87
CA ASP B 118 -17.41 27.86 -32.27
C ASP B 118 -18.41 28.33 -33.33
N ASP B 119 -17.92 28.97 -34.41
CA ASP B 119 -18.83 29.44 -35.44
C ASP B 119 -19.44 28.29 -36.23
N GLU B 120 -18.68 27.21 -36.43
CA GLU B 120 -19.26 26.04 -37.11
C GLU B 120 -20.31 25.38 -36.25
N VAL B 121 -20.10 25.36 -34.93
CA VAL B 121 -21.08 24.76 -34.04
C VAL B 121 -22.31 25.64 -33.94
N ASP B 122 -22.13 26.96 -34.00
CA ASP B 122 -23.28 27.86 -33.98
C ASP B 122 -24.06 27.81 -35.28
N GLU B 123 -23.40 27.59 -36.42
CA GLU B 123 -24.14 27.42 -37.68
C GLU B 123 -24.89 26.09 -37.72
N MET B 124 -24.23 25.00 -37.30
CA MET B 124 -24.89 23.71 -37.32
C MET B 124 -26.04 23.66 -36.32
N ILE B 125 -25.87 24.29 -35.14
CA ILE B 125 -26.98 24.41 -34.22
C ILE B 125 -28.02 25.40 -34.72
N ARG B 126 -27.64 26.33 -35.60
CA ARG B 126 -28.60 27.26 -36.17
C ARG B 126 -29.56 26.55 -37.12
N GLU B 127 -29.03 25.60 -37.91
CA GLU B 127 -29.91 24.79 -38.76
C GLU B 127 -30.97 24.08 -37.93
N ALA B 128 -30.56 23.41 -36.84
CA ALA B 128 -31.48 22.65 -35.99
C ALA B 128 -32.21 23.51 -34.96
N ASP B 129 -31.86 24.78 -34.83
CA ASP B 129 -32.45 25.67 -33.84
C ASP B 129 -33.75 26.30 -34.32
N GLN B 130 -34.32 25.78 -35.39
CA GLN B 130 -35.61 26.23 -35.88
C GLN B 130 -36.74 25.46 -35.21
N ASP B 131 -36.37 24.48 -34.38
CA ASP B 131 -37.33 23.82 -33.50
C ASP B 131 -37.90 24.83 -32.51
N GLY B 132 -37.02 25.52 -31.78
CA GLY B 132 -37.36 26.67 -30.98
C GLY B 132 -37.43 26.43 -29.49
N ASP B 133 -37.54 25.18 -29.05
CA ASP B 133 -37.67 24.88 -27.63
C ASP B 133 -36.33 24.55 -27.00
N GLY B 134 -35.23 24.89 -27.67
CA GLY B 134 -33.92 24.51 -27.18
C GLY B 134 -33.63 23.03 -27.27
N ARG B 135 -34.48 22.26 -27.95
CA ARG B 135 -34.34 20.83 -28.10
C ARG B 135 -34.31 20.47 -29.58
N ILE B 136 -33.87 19.25 -29.88
CA ILE B 136 -33.60 18.82 -31.25
C ILE B 136 -34.20 17.44 -31.48
N ASP B 137 -35.04 17.33 -32.50
CA ASP B 137 -35.50 16.06 -33.06
C ASP B 137 -34.48 15.59 -34.10
N TYR B 138 -33.67 14.59 -33.74
CA TYR B 138 -32.55 14.22 -34.59
C TYR B 138 -32.91 13.33 -35.78
N ASN B 139 -34.10 12.72 -35.83
CA ASN B 139 -34.46 11.94 -37.01
C ASN B 139 -34.63 12.85 -38.24
N GLU B 140 -35.46 13.88 -38.09
CA GLU B 140 -35.65 14.87 -39.13
C GLU B 140 -34.33 15.52 -39.52
N PHE B 141 -33.51 15.90 -38.52
CA PHE B 141 -32.26 16.58 -38.80
C PHE B 141 -31.22 15.67 -39.44
N VAL B 142 -31.27 14.36 -39.14
CA VAL B 142 -30.47 13.39 -39.88
C VAL B 142 -30.88 13.37 -41.34
N GLN B 143 -32.18 13.28 -41.62
CA GLN B 143 -32.61 13.26 -43.02
C GLN B 143 -32.24 14.56 -43.73
N LEU B 144 -32.44 15.70 -43.06
CA LEU B 144 -31.99 17.00 -43.57
C LEU B 144 -30.51 16.99 -43.91
N MET B 145 -29.68 16.47 -42.99
CA MET B 145 -28.22 16.51 -43.17
C MET B 145 -27.76 15.79 -44.42
N MET B 146 -28.53 14.82 -44.90
CA MET B 146 -28.17 14.07 -46.10
C MET B 146 -28.82 14.67 -47.33
MG MG C . 8.70 2.00 6.48
C1 Q8V D . 8.04 -6.05 25.12
C10 Q8V D . 5.63 -6.46 19.67
C11 Q8V D . 6.23 -6.30 17.40
C12 Q8V D . 6.48 -5.27 16.27
C2 Q8V D . 7.60 -6.33 23.83
C3 Q8V D . 7.13 -6.04 26.18
C4 Q8V D . 6.25 -6.58 23.59
C5 Q8V D . 5.79 -6.31 25.94
C6 Q8V D . 5.34 -6.60 24.65
C7 Q8V D . 5.75 -6.90 22.16
C8 Q8V D . 6.11 -6.12 21.10
C9 Q8V D . 6.99 -4.88 21.31
N1 Q8V D . 7.63 -3.97 21.47
N2 Q8V D . 4.89 -8.11 21.94
O1 Q8V D . 4.93 -7.40 19.46
O2 Q8V D . 5.99 -5.62 18.60
PG AGS E . 10.94 -0.21 7.10
S1G AGS E . 12.04 -0.27 8.67
O2G AGS E . 9.61 0.41 7.48
O3G AGS E . 10.70 -1.62 6.58
PB AGS E . 11.05 1.11 4.51
O1B AGS E . 9.67 1.66 4.67
O2B AGS E . 10.99 -0.10 3.57
O3B AGS E . 11.71 0.67 5.93
PA AGS E . 11.62 3.86 3.71
O1A AGS E . 11.32 4.38 5.11
O2A AGS E . 10.41 4.07 2.82
O3A AGS E . 12.01 2.25 3.79
O5' AGS E . 12.93 4.67 3.08
C5' AGS E . 14.14 4.57 3.78
C4' AGS E . 15.00 5.77 3.35
O4' AGS E . 15.50 5.53 2.16
C3' AGS E . 14.09 7.05 3.15
O3' AGS E . 14.06 7.77 4.29
C2' AGS E . 14.78 7.81 2.02
O2' AGS E . 15.91 8.59 2.56
C1' AGS E . 15.25 6.87 1.22
N9 AGS E . 14.36 6.57 0.16
C8 AGS E . 13.50 5.56 0.10
N7 AGS E . 12.85 5.60 -1.07
C5 AGS E . 13.30 6.66 -1.76
C6 AGS E . 12.99 7.20 -3.04
N6 AGS E . 12.00 6.60 -3.89
N1 AGS E . 13.66 8.28 -3.43
C2 AGS E . 14.58 8.84 -2.67
N3 AGS E . 14.89 8.36 -1.47
C4 AGS E . 14.26 7.26 -1.00
#